data_1Z42
#
_entry.id   1Z42
#
_cell.length_a   51.167
_cell.length_b   184.681
_cell.length_c   169.172
_cell.angle_alpha   90.00
_cell.angle_beta   90.00
_cell.angle_gamma   90.00
#
_symmetry.space_group_name_H-M   'C 2 2 21'
#
loop_
_entity.id
_entity.type
_entity.pdbx_description
1 polymer 'Probable NADH-dependent flavin oxidoreductase yqjM'
2 non-polymer 'SULFATE ION'
3 non-polymer 'FLAVIN MONONUCLEOTIDE'
4 non-polymer P-HYDROXYBENZALDEHYDE
5 water water
#
_entity_poly.entity_id   1
_entity_poly.type   'polypeptide(L)'
_entity_poly.pdbx_seq_one_letter_code
;(MSE)ARKLFTPITIKD(MSE)TLKNRIV(MSE)SP(MSE)C(MSE)YSSHEKDGKLTPFH(MSE)AHYISRAIGQVGLI
IVEASAVNPQGRITDQDLGIWSDEHIEGFAKLTEQVKEQGSKIGIQLAHAGRKAELEGDIFAPSAIAFDEQSATPVE
(MSE)SAEKVKETVQEFKQAAARAKEAGFDVIEIHAAHGYLIHEFLSPLSNHRTDEYGGSPENRYRFLREIIDEVKQVWD
GPLFVRVSASDYTDKGLDIADHIGFAKW(MSE)KEQGVDLIDCSSGALVHADINVFPGYQVSFAEKIREQAD(MSE)ATG
AVG(MSE)ITDGS(MSE)AEEILQNGRADLIFIGRELLRDPFFARTAAKQLNTEIPAPVQYERGW
;
_entity_poly.pdbx_strand_id   A,B
#
# COMPACT_ATOMS: atom_id res chain seq x y z
N ALA A 2 -14.81 13.08 20.95
CA ALA A 2 -14.23 12.22 19.87
C ALA A 2 -15.32 11.38 19.22
N ARG A 3 -15.16 11.12 17.93
CA ARG A 3 -16.13 10.33 17.18
C ARG A 3 -16.04 8.88 17.65
N LYS A 4 -17.18 8.20 17.71
CA LYS A 4 -17.19 6.81 18.15
C LYS A 4 -16.36 5.93 17.21
N LEU A 5 -16.38 6.25 15.93
CA LEU A 5 -15.63 5.47 14.95
C LEU A 5 -14.14 5.46 15.28
N PHE A 6 -13.67 6.51 15.96
CA PHE A 6 -12.26 6.60 16.32
C PHE A 6 -12.04 6.50 17.83
N THR A 7 -12.94 5.79 18.49
CA THR A 7 -12.86 5.58 19.93
C THR A 7 -12.38 4.13 20.11
N PRO A 8 -11.39 3.91 20.98
CA PRO A 8 -10.90 2.56 21.17
C PRO A 8 -11.93 1.61 21.78
N ILE A 9 -11.69 0.31 21.63
CA ILE A 9 -12.57 -0.71 22.19
C ILE A 9 -11.69 -1.90 22.55
N THR A 10 -11.97 -2.50 23.70
CA THR A 10 -11.20 -3.66 24.14
C THR A 10 -12.05 -4.93 24.11
N ILE A 11 -11.52 -5.96 23.44
CA ILE A 11 -12.18 -7.25 23.33
C ILE A 11 -11.16 -8.25 23.85
N LYS A 12 -11.46 -8.86 24.99
CA LYS A 12 -10.52 -9.80 25.61
C LYS A 12 -9.26 -9.03 25.97
N ASP A 13 -8.10 -9.51 25.54
CA ASP A 13 -6.86 -8.83 25.83
C ASP A 13 -6.46 -7.84 24.73
N THR A 15 -6.98 -4.40 22.36
CA THR A 15 -7.54 -3.06 22.26
C THR A 15 -7.31 -2.50 20.86
N LEU A 16 -8.41 -2.16 20.18
CA LEU A 16 -8.33 -1.60 18.83
C LEU A 16 -8.35 -0.08 18.98
N LYS A 17 -7.50 0.62 18.23
CA LYS A 17 -7.46 2.07 18.34
C LYS A 17 -8.67 2.79 17.71
N ASN A 18 -9.37 2.10 16.81
CA ASN A 18 -10.58 2.65 16.19
C ASN A 18 -11.49 1.48 15.82
N ARG A 19 -12.72 1.77 15.40
CA ARG A 19 -13.70 0.73 15.08
C ARG A 19 -13.74 0.33 13.60
N ILE A 20 -12.75 0.74 12.83
CA ILE A 20 -12.70 0.40 11.42
C ILE A 20 -11.99 -0.93 11.23
N VAL A 21 -12.63 -1.85 10.51
CA VAL A 21 -12.07 -3.17 10.26
C VAL A 21 -12.01 -3.45 8.76
N SER A 23 -12.49 -5.73 6.06
CA SER A 23 -13.21 -6.98 5.88
C SER A 23 -12.34 -7.97 5.12
N PRO A 24 -12.42 -9.26 5.48
CA PRO A 24 -11.60 -10.26 4.77
C PRO A 24 -11.93 -10.28 3.29
N CYS A 26 -10.55 -12.17 -0.34
CA CYS A 26 -9.68 -13.05 -1.12
C CYS A 26 -8.98 -12.31 -2.25
N TYR A 28 -6.75 -14.15 -4.38
CA TYR A 28 -6.41 -15.15 -5.39
C TYR A 28 -5.03 -14.87 -5.98
N SER A 29 -4.07 -14.60 -5.10
CA SER A 29 -2.72 -14.27 -5.53
C SER A 29 -1.60 -15.22 -5.09
N SER A 30 -1.96 -16.39 -4.59
CA SER A 30 -0.94 -17.35 -4.18
C SER A 30 -0.62 -18.17 -5.44
N HIS A 31 0.08 -17.54 -6.38
CA HIS A 31 0.40 -18.16 -7.66
C HIS A 31 1.17 -19.48 -7.63
N GLU A 32 1.88 -19.76 -6.55
CA GLU A 32 2.62 -21.02 -6.44
C GLU A 32 1.66 -22.17 -6.08
N LYS A 33 0.40 -21.82 -5.84
CA LYS A 33 -0.65 -22.79 -5.50
C LYS A 33 -0.37 -23.57 -4.22
N ASP A 34 0.45 -22.99 -3.35
CA ASP A 34 0.81 -23.64 -2.10
C ASP A 34 0.19 -22.96 -0.88
N GLY A 35 -0.70 -22.00 -1.13
CA GLY A 35 -1.35 -21.30 -0.04
C GLY A 35 -0.46 -20.31 0.69
N LYS A 36 0.75 -20.10 0.19
CA LYS A 36 1.69 -19.18 0.83
C LYS A 36 1.54 -17.73 0.40
N LEU A 37 2.00 -16.82 1.25
CA LEU A 37 1.93 -15.38 0.99
C LEU A 37 2.94 -14.98 -0.09
N THR A 38 2.67 -13.85 -0.73
CA THR A 38 3.54 -13.32 -1.78
C THR A 38 3.77 -11.84 -1.51
N PRO A 39 4.76 -11.23 -2.18
CA PRO A 39 5.01 -9.81 -1.97
C PRO A 39 3.75 -8.97 -2.16
N PHE A 40 2.89 -9.38 -3.10
CA PHE A 40 1.64 -8.65 -3.32
C PHE A 40 0.80 -8.63 -2.05
N HIS A 41 0.62 -9.79 -1.43
CA HIS A 41 -0.18 -9.87 -0.21
C HIS A 41 0.39 -8.95 0.86
N ALA A 43 2.32 -6.14 0.59
CA ALA A 43 2.07 -4.74 0.28
C ALA A 43 0.58 -4.40 0.43
N HIS A 44 -0.28 -5.31 -0.05
CA HIS A 44 -1.72 -5.14 0.02
C HIS A 44 -2.25 -4.92 1.45
N TYR A 45 -1.87 -5.82 2.36
CA TYR A 45 -2.33 -5.71 3.75
C TYR A 45 -1.60 -4.64 4.57
N ILE A 46 -0.28 -4.61 4.46
CA ILE A 46 0.50 -3.64 5.24
C ILE A 46 0.17 -2.19 4.88
N SER A 47 -0.19 -1.93 3.63
CA SER A 47 -0.52 -0.57 3.24
C SER A 47 -1.75 -0.05 4.01
N ARG A 48 -2.70 -0.93 4.32
CA ARG A 48 -3.88 -0.49 5.07
C ARG A 48 -3.53 -0.29 6.55
N ALA A 49 -2.44 -0.92 6.99
CA ALA A 49 -1.98 -0.77 8.37
C ALA A 49 -1.32 0.61 8.44
N ILE A 50 -0.53 0.94 7.42
CA ILE A 50 0.09 2.25 7.36
C ILE A 50 -1.08 3.24 7.30
N GLY A 51 -2.16 2.80 6.67
CA GLY A 51 -3.36 3.60 6.52
C GLY A 51 -4.20 3.76 7.79
N GLN A 52 -3.72 3.20 8.90
CA GLN A 52 -4.41 3.32 10.20
C GLN A 52 -5.70 2.54 10.43
N VAL A 53 -5.91 1.45 9.71
CA VAL A 53 -7.11 0.65 9.94
C VAL A 53 -6.93 -0.03 11.31
N GLY A 54 -7.93 0.08 12.17
CA GLY A 54 -7.85 -0.50 13.51
C GLY A 54 -7.58 -1.99 13.53
N LEU A 55 -8.31 -2.73 12.70
CA LEU A 55 -8.16 -4.17 12.64
C LEU A 55 -8.22 -4.67 11.20
N ILE A 56 -7.23 -5.47 10.81
CA ILE A 56 -7.18 -6.01 9.46
C ILE A 56 -7.42 -7.51 9.53
N ILE A 57 -8.48 -7.97 8.85
CA ILE A 57 -8.78 -9.39 8.83
C ILE A 57 -8.28 -10.00 7.52
N VAL A 58 -7.33 -10.91 7.61
CA VAL A 58 -6.80 -11.55 6.43
C VAL A 58 -7.87 -12.41 5.75
N GLU A 59 -7.85 -12.43 4.43
CA GLU A 59 -8.78 -13.17 3.58
C GLU A 59 -8.97 -14.63 3.99
N ALA A 60 -10.05 -15.23 3.52
CA ALA A 60 -10.37 -16.63 3.80
C ALA A 60 -9.14 -17.50 3.57
N SER A 61 -8.70 -18.17 4.62
CA SER A 61 -7.52 -19.05 4.55
C SER A 61 -7.92 -20.49 4.85
N ALA A 62 -7.78 -21.35 3.85
CA ALA A 62 -8.17 -22.76 3.95
C ALA A 62 -7.49 -23.59 5.04
N VAL A 63 -8.31 -24.32 5.79
CA VAL A 63 -7.82 -25.19 6.86
C VAL A 63 -7.47 -26.58 6.30
N ASN A 64 -7.76 -26.78 5.02
CA ASN A 64 -7.47 -28.04 4.30
C ASN A 64 -7.32 -27.62 2.85
N PRO A 65 -6.29 -28.14 2.15
CA PRO A 65 -6.10 -27.77 0.74
C PRO A 65 -7.33 -27.90 -0.15
N GLN A 66 -8.12 -28.94 0.07
CA GLN A 66 -9.32 -29.14 -0.74
C GLN A 66 -10.46 -28.28 -0.22
N GLY A 67 -10.15 -27.44 0.76
CA GLY A 67 -11.14 -26.54 1.34
C GLY A 67 -10.96 -25.13 0.79
N ARG A 68 -10.02 -25.00 -0.14
CA ARG A 68 -9.75 -23.72 -0.79
C ARG A 68 -10.87 -23.44 -1.79
N ILE A 69 -11.10 -22.17 -2.08
CA ILE A 69 -12.11 -21.80 -3.07
C ILE A 69 -11.43 -22.03 -4.42
N THR A 70 -10.18 -21.58 -4.55
CA THR A 70 -9.39 -21.76 -5.76
C THR A 70 -7.97 -22.12 -5.35
N ASP A 71 -7.17 -22.64 -6.29
CA ASP A 71 -5.81 -23.02 -5.96
C ASP A 71 -4.89 -21.81 -5.78
N GLN A 72 -5.45 -20.61 -5.85
CA GLN A 72 -4.67 -19.39 -5.67
C GLN A 72 -4.93 -18.77 -4.29
N ASP A 73 -5.74 -19.46 -3.47
CA ASP A 73 -6.07 -18.97 -2.13
C ASP A 73 -4.94 -19.10 -1.14
N LEU A 74 -5.04 -18.34 -0.06
CA LEU A 74 -4.07 -18.43 1.03
C LEU A 74 -4.46 -19.66 1.82
N GLY A 75 -3.51 -20.23 2.53
CA GLY A 75 -3.82 -21.41 3.33
C GLY A 75 -3.18 -21.35 4.71
N ILE A 76 -3.66 -22.20 5.61
CA ILE A 76 -3.11 -22.27 6.95
C ILE A 76 -3.29 -23.70 7.44
N TRP A 77 -3.24 -24.62 6.48
CA TRP A 77 -3.41 -26.05 6.76
C TRP A 77 -2.08 -26.72 7.07
N SER A 78 -0.99 -25.96 7.00
CA SER A 78 0.34 -26.50 7.26
C SER A 78 1.23 -25.57 8.10
N ASP A 79 2.09 -26.16 8.91
CA ASP A 79 3.00 -25.37 9.74
C ASP A 79 3.92 -24.54 8.84
N GLU A 80 4.03 -24.92 7.57
CA GLU A 80 4.87 -24.18 6.63
C GLU A 80 4.28 -22.80 6.33
N HIS A 81 3.01 -22.62 6.66
CA HIS A 81 2.32 -21.35 6.43
C HIS A 81 2.60 -20.36 7.55
N ILE A 82 3.12 -20.85 8.67
CA ILE A 82 3.40 -20.01 9.83
C ILE A 82 4.46 -18.93 9.62
N GLU A 83 5.57 -19.31 8.99
CA GLU A 83 6.67 -18.39 8.73
C GLU A 83 6.22 -17.09 8.05
N GLY A 84 5.50 -17.23 6.94
CA GLY A 84 5.04 -16.07 6.21
C GLY A 84 4.05 -15.24 7.01
N PHE A 85 3.08 -15.90 7.63
CA PHE A 85 2.10 -15.18 8.44
C PHE A 85 2.76 -14.44 9.60
N ALA A 86 3.83 -15.01 10.15
CA ALA A 86 4.54 -14.37 11.26
C ALA A 86 5.15 -13.05 10.83
N LYS A 87 5.61 -12.99 9.58
CA LYS A 87 6.19 -11.76 9.07
C LYS A 87 5.08 -10.73 8.86
N LEU A 88 3.94 -11.18 8.35
CA LEU A 88 2.80 -10.31 8.09
C LEU A 88 2.25 -9.70 9.37
N THR A 89 1.96 -10.53 10.37
CA THR A 89 1.41 -10.01 11.62
C THR A 89 2.38 -9.01 12.27
N GLU A 90 3.66 -9.35 12.27
CA GLU A 90 4.66 -8.47 12.86
C GLU A 90 4.68 -7.09 12.18
N GLN A 91 4.68 -7.08 10.85
CA GLN A 91 4.72 -5.84 10.10
C GLN A 91 3.43 -5.02 10.18
N VAL A 92 2.29 -5.69 10.24
CA VAL A 92 1.03 -4.97 10.38
C VAL A 92 0.97 -4.35 11.77
N LYS A 93 1.36 -5.13 12.77
CA LYS A 93 1.36 -4.65 14.15
C LYS A 93 2.32 -3.48 14.36
N GLU A 94 3.44 -3.51 13.64
CA GLU A 94 4.43 -2.43 13.76
C GLU A 94 3.85 -1.09 13.33
N GLN A 95 2.91 -1.11 12.38
CA GLN A 95 2.31 0.13 11.91
C GLN A 95 1.23 0.61 12.87
N GLY A 96 0.92 -0.20 13.88
CA GLY A 96 -0.08 0.19 14.86
C GLY A 96 -1.46 -0.43 14.72
N SER A 97 -1.61 -1.38 13.80
CA SER A 97 -2.90 -2.03 13.60
C SER A 97 -2.91 -3.40 14.25
N LYS A 98 -4.10 -3.93 14.50
CA LYS A 98 -4.23 -5.26 15.06
C LYS A 98 -4.58 -6.12 13.85
N ILE A 99 -4.33 -7.42 13.95
CA ILE A 99 -4.61 -8.28 12.80
C ILE A 99 -5.30 -9.59 13.15
N GLY A 100 -6.18 -10.01 12.24
CA GLY A 100 -6.90 -11.25 12.44
C GLY A 100 -6.86 -12.09 11.18
N ILE A 101 -7.29 -13.34 11.27
CA ILE A 101 -7.32 -14.21 10.12
C ILE A 101 -8.64 -14.96 10.11
N GLN A 102 -9.18 -15.15 8.90
CA GLN A 102 -10.44 -15.86 8.76
C GLN A 102 -10.17 -17.31 8.35
N LEU A 103 -10.45 -18.23 9.27
CA LEU A 103 -10.24 -19.65 9.00
C LEU A 103 -11.41 -20.13 8.17
N ALA A 104 -11.13 -20.79 7.03
CA ALA A 104 -12.21 -21.22 6.16
C ALA A 104 -12.11 -22.59 5.49
N HIS A 105 -13.23 -22.99 4.89
CA HIS A 105 -13.35 -24.25 4.15
C HIS A 105 -14.48 -24.01 3.16
N ALA A 106 -14.14 -23.97 1.87
CA ALA A 106 -15.10 -23.70 0.80
C ALA A 106 -16.21 -24.72 0.60
N GLY A 107 -16.06 -25.92 1.15
CA GLY A 107 -17.10 -26.91 1.00
C GLY A 107 -17.46 -27.16 -0.46
N ARG A 108 -18.76 -27.22 -0.76
CA ARG A 108 -19.22 -27.46 -2.13
C ARG A 108 -18.94 -26.35 -3.13
N LYS A 109 -18.48 -25.20 -2.65
CA LYS A 109 -18.16 -24.10 -3.56
C LYS A 109 -16.68 -24.09 -3.92
N ALA A 110 -15.96 -25.13 -3.51
CA ALA A 110 -14.55 -25.22 -3.83
C ALA A 110 -14.42 -25.47 -5.33
N GLU A 111 -13.58 -24.67 -5.98
CA GLU A 111 -13.35 -24.80 -7.42
C GLU A 111 -11.99 -25.46 -7.62
N LEU A 112 -11.91 -26.74 -7.27
CA LEU A 112 -10.67 -27.48 -7.38
C LEU A 112 -10.93 -28.80 -8.10
N GLU A 113 -9.86 -29.39 -8.64
CA GLU A 113 -10.00 -30.67 -9.33
C GLU A 113 -10.13 -31.74 -8.25
N GLY A 114 -10.82 -32.83 -8.55
CA GLY A 114 -10.99 -33.88 -7.57
C GLY A 114 -12.23 -33.69 -6.73
N ASP A 115 -12.57 -34.68 -5.92
CA ASP A 115 -13.75 -34.61 -5.07
C ASP A 115 -13.71 -33.39 -4.14
N ILE A 116 -14.86 -32.76 -3.97
CA ILE A 116 -14.99 -31.63 -3.04
C ILE A 116 -16.02 -32.11 -2.03
N PHE A 117 -16.05 -31.50 -0.85
CA PHE A 117 -16.96 -31.98 0.19
C PHE A 117 -18.02 -31.03 0.74
N ALA A 118 -19.04 -31.63 1.33
CA ALA A 118 -20.16 -30.88 1.91
C ALA A 118 -20.96 -31.81 2.83
N PRO A 119 -21.91 -31.26 3.58
CA PRO A 119 -22.70 -32.11 4.48
C PRO A 119 -23.56 -33.11 3.70
N SER A 120 -23.99 -32.70 2.50
CA SER A 120 -24.83 -33.54 1.64
C SER A 120 -24.45 -33.37 0.18
N ALA A 121 -24.67 -34.42 -0.61
CA ALA A 121 -24.33 -34.39 -2.03
C ALA A 121 -25.33 -33.56 -2.84
N ILE A 122 -25.25 -32.24 -2.68
CA ILE A 122 -26.12 -31.30 -3.38
C ILE A 122 -25.24 -30.22 -3.98
N ALA A 123 -25.32 -30.03 -5.29
CA ALA A 123 -24.51 -29.02 -5.97
C ALA A 123 -24.98 -27.59 -5.65
N PHE A 124 -24.03 -26.66 -5.64
CA PHE A 124 -24.32 -25.25 -5.39
C PHE A 124 -25.28 -24.70 -6.44
N ASP A 125 -25.02 -25.04 -7.70
CA ASP A 125 -25.88 -24.61 -8.81
C ASP A 125 -25.67 -25.51 -10.02
N GLU A 126 -26.35 -25.18 -11.12
CA GLU A 126 -26.28 -25.97 -12.36
C GLU A 126 -24.88 -26.05 -12.97
N GLN A 127 -24.02 -25.10 -12.64
CA GLN A 127 -22.67 -25.06 -13.19
C GLN A 127 -21.65 -25.79 -12.32
N SER A 128 -22.03 -26.08 -11.07
CA SER A 128 -21.12 -26.70 -10.13
C SER A 128 -21.07 -28.23 -10.07
N ALA A 129 -19.93 -28.75 -9.62
CA ALA A 129 -19.76 -30.18 -9.47
C ALA A 129 -20.54 -30.58 -8.23
N THR A 130 -21.01 -31.82 -8.17
CA THR A 130 -21.75 -32.28 -7.01
C THR A 130 -20.73 -32.75 -5.97
N PRO A 131 -20.85 -32.26 -4.73
CA PRO A 131 -19.90 -32.65 -3.68
C PRO A 131 -20.17 -34.03 -3.11
N VAL A 132 -19.16 -34.57 -2.44
CA VAL A 132 -19.27 -35.86 -1.78
C VAL A 132 -19.74 -35.57 -0.37
N GLU A 133 -20.69 -36.36 0.13
CA GLU A 133 -21.17 -36.17 1.49
C GLU A 133 -20.06 -36.60 2.44
N SER A 135 -18.19 -38.12 5.49
CA SER A 135 -18.52 -39.19 6.40
C SER A 135 -18.43 -38.55 7.78
N ALA A 136 -19.03 -39.18 8.79
CA ALA A 136 -18.97 -38.63 10.13
C ALA A 136 -17.51 -38.45 10.53
N GLU A 137 -16.67 -39.40 10.13
CA GLU A 137 -15.25 -39.35 10.43
C GLU A 137 -14.62 -38.10 9.80
N LYS A 138 -14.95 -37.85 8.54
CA LYS A 138 -14.43 -36.71 7.80
C LYS A 138 -14.85 -35.39 8.45
N VAL A 139 -16.10 -35.33 8.92
CA VAL A 139 -16.60 -34.13 9.58
C VAL A 139 -15.77 -33.83 10.81
N LYS A 140 -15.54 -34.85 11.63
CA LYS A 140 -14.77 -34.70 12.85
C LYS A 140 -13.31 -34.35 12.57
N GLU A 141 -12.77 -34.85 11.46
CA GLU A 141 -11.39 -34.53 11.11
C GLU A 141 -11.33 -33.06 10.72
N THR A 142 -12.39 -32.58 10.07
CA THR A 142 -12.43 -31.18 9.65
C THR A 142 -12.50 -30.28 10.87
N VAL A 143 -13.23 -30.73 11.90
CA VAL A 143 -13.30 -29.95 13.13
C VAL A 143 -11.86 -29.82 13.67
N GLN A 144 -11.12 -30.92 13.67
CA GLN A 144 -9.74 -30.90 14.15
C GLN A 144 -8.85 -29.99 13.30
N GLU A 145 -9.16 -29.88 12.01
CA GLU A 145 -8.37 -29.02 11.14
C GLU A 145 -8.59 -27.54 11.48
N PHE A 146 -9.79 -27.18 11.94
CA PHE A 146 -10.03 -25.79 12.31
C PHE A 146 -9.25 -25.50 13.59
N LYS A 147 -9.23 -26.48 14.49
CA LYS A 147 -8.50 -26.35 15.76
C LYS A 147 -7.00 -26.20 15.48
N GLN A 148 -6.48 -27.10 14.65
CA GLN A 148 -5.07 -27.07 14.27
C GLN A 148 -4.70 -25.76 13.58
N ALA A 149 -5.61 -25.26 12.75
CA ALA A 149 -5.37 -24.00 12.04
C ALA A 149 -5.32 -22.85 13.04
N ALA A 150 -6.23 -22.87 14.00
CA ALA A 150 -6.29 -21.83 15.03
C ALA A 150 -4.98 -21.82 15.81
N ALA A 151 -4.46 -23.00 16.09
CA ALA A 151 -3.21 -23.11 16.84
C ALA A 151 -2.07 -22.48 16.03
N ARG A 152 -2.10 -22.65 14.71
CA ARG A 152 -1.06 -22.08 13.86
C ARG A 152 -1.19 -20.56 13.84
N ALA A 153 -2.43 -20.07 13.81
CA ALA A 153 -2.70 -18.64 13.79
C ALA A 153 -2.16 -17.99 15.06
N LYS A 154 -2.33 -18.67 16.19
CA LYS A 154 -1.84 -18.14 17.46
C LYS A 154 -0.32 -18.04 17.39
N GLU A 155 0.32 -19.11 16.93
CA GLU A 155 1.77 -19.15 16.83
C GLU A 155 2.27 -18.07 15.85
N ALA A 156 1.49 -17.83 14.81
CA ALA A 156 1.84 -16.83 13.80
C ALA A 156 1.74 -15.40 14.32
N GLY A 157 1.08 -15.21 15.45
CA GLY A 157 0.97 -13.89 16.03
C GLY A 157 -0.31 -13.12 15.76
N PHE A 158 -1.36 -13.80 15.31
CA PHE A 158 -2.61 -13.11 15.04
C PHE A 158 -3.29 -12.67 16.35
N ASP A 159 -3.96 -11.53 16.30
CA ASP A 159 -4.65 -10.99 17.47
C ASP A 159 -6.06 -11.53 17.60
N VAL A 160 -6.69 -11.79 16.46
CA VAL A 160 -8.06 -12.30 16.42
C VAL A 160 -8.19 -13.44 15.43
N ILE A 161 -9.13 -14.34 15.71
CA ILE A 161 -9.40 -15.44 14.81
C ILE A 161 -10.88 -15.37 14.49
N GLU A 162 -11.23 -15.46 13.21
CA GLU A 162 -12.61 -15.45 12.81
C GLU A 162 -12.92 -16.75 12.08
N ILE A 163 -14.04 -17.37 12.46
CA ILE A 163 -14.47 -18.59 11.82
C ILE A 163 -15.42 -18.22 10.68
N HIS A 164 -15.11 -18.68 9.48
CA HIS A 164 -15.95 -18.38 8.32
C HIS A 164 -17.13 -19.34 8.24
N ALA A 165 -18.27 -18.91 8.77
CA ALA A 165 -19.48 -19.72 8.78
C ALA A 165 -20.51 -19.11 7.84
N ALA A 166 -20.04 -18.39 6.83
CA ALA A 166 -20.94 -17.72 5.90
C ALA A 166 -20.67 -17.99 4.44
N HIS A 167 -21.38 -17.24 3.61
CA HIS A 167 -21.29 -17.25 2.16
C HIS A 167 -21.36 -18.59 1.44
N GLY A 168 -22.24 -19.46 1.92
CA GLY A 168 -22.44 -20.75 1.31
C GLY A 168 -21.30 -21.75 1.41
N TYR A 169 -20.29 -21.46 2.22
CA TYR A 169 -19.16 -22.37 2.36
C TYR A 169 -19.50 -23.52 3.32
N LEU A 170 -18.52 -24.35 3.66
CA LEU A 170 -18.78 -25.53 4.48
C LEU A 170 -19.66 -25.39 5.73
N ILE A 171 -19.24 -24.58 6.69
CA ILE A 171 -20.03 -24.41 7.91
C ILE A 171 -21.46 -23.93 7.62
N HIS A 172 -21.59 -22.94 6.74
CA HIS A 172 -22.91 -22.41 6.38
C HIS A 172 -23.75 -23.55 5.79
N GLU A 173 -23.12 -24.41 5.00
CA GLU A 173 -23.80 -25.53 4.39
C GLU A 173 -24.40 -26.47 5.45
N PHE A 174 -23.71 -26.65 6.56
CA PHE A 174 -24.22 -27.49 7.64
C PHE A 174 -25.37 -26.80 8.36
N LEU A 175 -25.24 -25.49 8.55
CA LEU A 175 -26.25 -24.72 9.25
C LEU A 175 -27.62 -24.66 8.56
N SER A 176 -27.63 -24.59 7.24
CA SER A 176 -28.88 -24.48 6.49
C SER A 176 -29.53 -25.77 6.01
N PRO A 177 -30.85 -25.91 6.22
CA PRO A 177 -31.58 -27.11 5.78
C PRO A 177 -31.65 -27.22 4.26
N LEU A 178 -31.39 -26.12 3.56
CA LEU A 178 -31.42 -26.13 2.11
C LEU A 178 -30.25 -26.95 1.56
N SER A 179 -29.15 -26.97 2.29
CA SER A 179 -27.95 -27.68 1.87
C SER A 179 -27.59 -28.88 2.74
N ASN A 180 -28.20 -28.97 3.93
CA ASN A 180 -27.93 -30.07 4.85
C ASN A 180 -29.14 -31.00 4.97
N HIS A 181 -29.04 -32.16 4.35
CA HIS A 181 -30.09 -33.17 4.39
C HIS A 181 -29.59 -34.42 5.13
N ARG A 182 -28.58 -34.23 5.98
CA ARG A 182 -27.99 -35.34 6.72
C ARG A 182 -28.96 -36.01 7.69
N THR A 183 -28.76 -37.33 7.88
CA THR A 183 -29.61 -38.09 8.78
C THR A 183 -28.84 -38.54 10.02
N ASP A 184 -27.68 -37.94 10.26
CA ASP A 184 -26.89 -38.28 11.43
C ASP A 184 -26.88 -37.12 12.41
N GLU A 185 -26.00 -37.18 13.41
CA GLU A 185 -25.92 -36.15 14.43
C GLU A 185 -25.63 -34.73 13.92
N TYR A 186 -25.21 -34.59 12.67
CA TYR A 186 -24.91 -33.27 12.13
C TYR A 186 -26.03 -32.70 11.24
N GLY A 187 -27.20 -33.33 11.26
CA GLY A 187 -28.30 -32.85 10.44
C GLY A 187 -29.66 -32.99 11.09
N GLY A 188 -30.62 -32.22 10.60
CA GLY A 188 -31.97 -32.26 11.13
C GLY A 188 -32.37 -31.02 11.90
N SER A 189 -32.45 -31.16 13.22
CA SER A 189 -32.83 -30.07 14.11
C SER A 189 -31.81 -28.94 14.09
N PRO A 190 -32.18 -27.75 14.60
CA PRO A 190 -31.22 -26.65 14.61
C PRO A 190 -30.02 -27.01 15.49
N GLU A 191 -30.25 -27.81 16.52
CA GLU A 191 -29.17 -28.23 17.40
C GLU A 191 -28.18 -29.09 16.63
N ASN A 192 -28.69 -30.00 15.80
CA ASN A 192 -27.85 -30.87 14.99
C ASN A 192 -27.16 -30.12 13.85
N ARG A 193 -27.87 -29.19 13.22
CA ARG A 193 -27.28 -28.43 12.12
C ARG A 193 -26.20 -27.48 12.63
N TYR A 194 -26.30 -27.09 13.90
CA TYR A 194 -25.35 -26.18 14.53
C TYR A 194 -24.17 -26.95 15.13
N ARG A 195 -24.35 -28.26 15.34
CA ARG A 195 -23.32 -29.10 15.96
C ARG A 195 -21.91 -28.94 15.39
N PHE A 196 -21.78 -28.90 14.06
CA PHE A 196 -20.47 -28.75 13.43
C PHE A 196 -19.81 -27.46 13.93
N LEU A 197 -20.53 -26.35 13.90
CA LEU A 197 -19.99 -25.08 14.37
C LEU A 197 -19.74 -25.12 15.88
N ARG A 198 -20.62 -25.78 16.61
CA ARG A 198 -20.46 -25.88 18.06
C ARG A 198 -19.15 -26.57 18.40
N GLU A 199 -18.88 -27.68 17.73
CA GLU A 199 -17.67 -28.44 17.97
C GLU A 199 -16.41 -27.67 17.56
N ILE A 200 -16.52 -26.89 16.49
CA ILE A 200 -15.40 -26.09 16.03
C ILE A 200 -15.07 -25.04 17.07
N ILE A 201 -16.09 -24.33 17.56
CA ILE A 201 -15.87 -23.30 18.57
C ILE A 201 -15.24 -23.87 19.83
N ASP A 202 -15.76 -24.99 20.32
CA ASP A 202 -15.21 -25.60 21.53
C ASP A 202 -13.77 -26.07 21.36
N GLU A 203 -13.45 -26.68 20.22
CA GLU A 203 -12.09 -27.16 19.98
C GLU A 203 -11.12 -25.98 19.81
N VAL A 204 -11.52 -24.97 19.05
CA VAL A 204 -10.67 -23.80 18.84
C VAL A 204 -10.38 -23.18 20.21
N LYS A 205 -11.38 -23.21 21.09
CA LYS A 205 -11.25 -22.67 22.45
C LYS A 205 -10.15 -23.37 23.23
N GLN A 206 -9.92 -24.64 22.91
CA GLN A 206 -8.89 -25.42 23.60
C GLN A 206 -7.47 -24.96 23.28
N VAL A 207 -7.31 -24.26 22.16
CA VAL A 207 -5.99 -23.80 21.77
C VAL A 207 -5.89 -22.29 21.61
N TRP A 208 -7.02 -21.59 21.68
CA TRP A 208 -7.04 -20.15 21.51
C TRP A 208 -7.95 -19.47 22.52
N ASP A 209 -7.37 -18.59 23.34
CA ASP A 209 -8.11 -17.87 24.38
C ASP A 209 -8.38 -16.41 24.02
N GLY A 210 -7.84 -15.97 22.89
CA GLY A 210 -8.01 -14.59 22.48
C GLY A 210 -9.35 -14.29 21.83
N PRO A 211 -9.51 -13.08 21.26
CA PRO A 211 -10.75 -12.68 20.60
C PRO A 211 -11.17 -13.71 19.55
N LEU A 212 -12.44 -14.08 19.57
CA LEU A 212 -12.95 -15.05 18.60
C LEU A 212 -14.20 -14.51 17.92
N PHE A 213 -14.11 -14.30 16.60
CA PHE A 213 -15.23 -13.79 15.81
C PHE A 213 -15.79 -14.94 14.98
N VAL A 214 -17.04 -14.82 14.59
CA VAL A 214 -17.68 -15.79 13.69
C VAL A 214 -18.45 -14.99 12.67
N ARG A 215 -18.17 -15.19 11.39
CA ARG A 215 -18.89 -14.48 10.35
C ARG A 215 -20.01 -15.39 9.86
N VAL A 216 -21.23 -14.87 9.80
CA VAL A 216 -22.37 -15.65 9.35
C VAL A 216 -23.08 -14.95 8.21
N SER A 217 -23.90 -15.69 7.49
CA SER A 217 -24.74 -15.14 6.43
C SER A 217 -26.06 -15.13 7.19
N ALA A 218 -26.46 -13.97 7.69
CA ALA A 218 -27.66 -13.84 8.50
C ALA A 218 -28.98 -14.24 7.84
N SER A 219 -28.94 -14.51 6.53
CA SER A 219 -30.14 -14.94 5.81
C SER A 219 -29.76 -15.65 4.51
N ASP A 220 -30.62 -16.57 4.08
CA ASP A 220 -30.41 -17.28 2.83
C ASP A 220 -31.31 -16.65 1.77
N TYR A 221 -32.15 -15.71 2.19
CA TYR A 221 -33.07 -15.02 1.27
C TYR A 221 -33.80 -16.04 0.40
N THR A 222 -34.07 -17.21 0.96
CA THR A 222 -34.73 -18.27 0.22
C THR A 222 -35.79 -18.98 1.04
N ASP A 223 -36.90 -19.33 0.38
CA ASP A 223 -38.00 -20.03 1.02
C ASP A 223 -37.47 -21.34 1.62
N LYS A 224 -37.79 -21.57 2.89
CA LYS A 224 -37.36 -22.77 3.62
C LYS A 224 -35.89 -22.73 4.02
N GLY A 225 -35.24 -21.59 3.77
CA GLY A 225 -33.84 -21.44 4.14
C GLY A 225 -33.76 -20.74 5.50
N LEU A 226 -32.56 -20.37 5.91
CA LEU A 226 -32.38 -19.71 7.19
C LEU A 226 -32.69 -18.22 7.05
N ASP A 227 -33.22 -17.63 8.12
CA ASP A 227 -33.50 -16.19 8.13
C ASP A 227 -32.93 -15.61 9.42
N ILE A 228 -33.11 -14.32 9.63
CA ILE A 228 -32.56 -13.69 10.83
C ILE A 228 -33.00 -14.35 12.13
N ALA A 229 -34.24 -14.84 12.19
CA ALA A 229 -34.73 -15.51 13.39
C ALA A 229 -33.85 -16.71 13.71
N ASP A 230 -33.48 -17.46 12.67
CA ASP A 230 -32.63 -18.64 12.85
C ASP A 230 -31.27 -18.24 13.40
N HIS A 231 -30.71 -17.16 12.85
CA HIS A 231 -29.40 -16.70 13.28
C HIS A 231 -29.38 -16.05 14.65
N ILE A 232 -30.52 -15.51 15.08
CA ILE A 232 -30.58 -14.93 16.40
C ILE A 232 -30.45 -16.12 17.35
N GLY A 233 -31.04 -17.25 16.96
CA GLY A 233 -30.97 -18.46 17.77
C GLY A 233 -29.56 -18.99 17.86
N PHE A 234 -28.86 -19.04 16.74
CA PHE A 234 -27.47 -19.51 16.73
C PHE A 234 -26.59 -18.57 17.55
N ALA A 235 -26.87 -17.27 17.47
CA ALA A 235 -26.11 -16.25 18.18
C ALA A 235 -26.16 -16.44 19.69
N LYS A 236 -27.34 -16.78 20.21
CA LYS A 236 -27.47 -16.99 21.64
C LYS A 236 -26.62 -18.18 22.06
N TRP A 237 -26.58 -19.21 21.22
CA TRP A 237 -25.76 -20.38 21.53
C TRP A 237 -24.27 -20.02 21.45
N LYS A 239 -23.03 -17.12 22.06
CA LYS A 239 -22.76 -16.28 23.23
C LYS A 239 -22.40 -17.21 24.39
N GLU A 240 -23.21 -18.25 24.58
CA GLU A 240 -22.97 -19.21 25.65
C GLU A 240 -21.60 -19.87 25.50
N GLN A 241 -21.19 -20.11 24.26
CA GLN A 241 -19.91 -20.75 23.98
C GLN A 241 -18.71 -19.81 24.10
N GLY A 242 -18.96 -18.53 24.29
CA GLY A 242 -17.86 -17.60 24.42
C GLY A 242 -17.42 -16.84 23.18
N VAL A 243 -18.23 -16.84 22.13
CA VAL A 243 -17.87 -16.10 20.92
C VAL A 243 -17.97 -14.61 21.28
N ASP A 244 -16.96 -13.83 20.92
CA ASP A 244 -16.93 -12.41 21.27
C ASP A 244 -17.70 -11.47 20.36
N LEU A 245 -17.78 -11.80 19.08
CA LEU A 245 -18.49 -10.94 18.14
C LEU A 245 -18.93 -11.71 16.91
N ILE A 246 -20.11 -11.35 16.40
CA ILE A 246 -20.62 -11.99 15.20
C ILE A 246 -20.57 -10.96 14.08
N ASP A 247 -19.82 -11.33 13.05
CA ASP A 247 -19.58 -10.54 11.84
C ASP A 247 -20.79 -10.88 10.95
N CYS A 248 -21.70 -9.92 10.81
CA CYS A 248 -22.94 -10.16 10.07
C CYS A 248 -23.03 -9.88 8.57
N SER A 249 -22.83 -10.92 7.78
CA SER A 249 -22.94 -10.81 6.33
C SER A 249 -24.26 -11.52 5.98
N SER A 250 -24.40 -11.95 4.72
CA SER A 250 -25.61 -12.63 4.31
C SER A 250 -25.49 -13.25 2.93
N GLY A 251 -26.43 -14.16 2.62
CA GLY A 251 -26.48 -14.83 1.33
C GLY A 251 -25.36 -15.72 0.86
N ALA A 252 -25.44 -16.09 -0.42
CA ALA A 252 -24.46 -16.92 -1.12
C ALA A 252 -24.53 -18.43 -0.93
N LEU A 253 -25.52 -18.92 -0.18
CA LEU A 253 -25.66 -20.36 0.01
C LEU A 253 -26.10 -20.95 -1.33
N VAL A 254 -27.01 -20.24 -1.98
CA VAL A 254 -27.54 -20.59 -3.30
C VAL A 254 -27.86 -19.26 -3.94
N HIS A 255 -28.01 -19.23 -5.27
CA HIS A 255 -28.33 -17.97 -5.92
C HIS A 255 -29.68 -17.50 -5.42
N ALA A 256 -29.80 -16.19 -5.19
CA ALA A 256 -31.06 -15.63 -4.68
C ALA A 256 -31.18 -14.17 -5.08
N ASP A 257 -32.39 -13.64 -5.00
CA ASP A 257 -32.64 -12.24 -5.33
C ASP A 257 -32.40 -11.40 -4.09
N ILE A 258 -31.29 -10.68 -4.07
CA ILE A 258 -30.95 -9.84 -2.93
C ILE A 258 -31.01 -8.36 -3.29
N ASN A 259 -31.80 -7.61 -2.54
CA ASN A 259 -31.93 -6.17 -2.74
C ASN A 259 -30.72 -5.54 -2.05
N VAL A 260 -29.73 -5.15 -2.84
CA VAL A 260 -28.51 -4.56 -2.32
C VAL A 260 -28.58 -3.04 -2.28
N PHE A 261 -28.14 -2.45 -1.17
CA PHE A 261 -28.13 -1.00 -1.01
C PHE A 261 -27.24 -0.62 0.18
N PRO A 262 -26.90 0.66 0.33
CA PRO A 262 -26.06 1.06 1.45
C PRO A 262 -26.61 0.61 2.80
N GLY A 263 -25.80 -0.18 3.52
CA GLY A 263 -26.20 -0.68 4.82
C GLY A 263 -27.31 -1.73 4.78
N TYR A 264 -27.38 -2.49 3.69
CA TYR A 264 -28.44 -3.49 3.57
C TYR A 264 -28.34 -4.67 4.54
N GLN A 265 -27.20 -4.85 5.17
CA GLN A 265 -27.05 -5.96 6.12
C GLN A 265 -27.00 -5.47 7.56
N VAL A 266 -27.17 -4.16 7.75
CA VAL A 266 -27.13 -3.58 9.09
C VAL A 266 -28.24 -4.09 10.01
N SER A 267 -29.43 -4.35 9.46
CA SER A 267 -30.53 -4.82 10.29
C SER A 267 -30.16 -6.12 10.99
N PHE A 268 -29.36 -6.95 10.33
CA PHE A 268 -28.93 -8.23 10.90
C PHE A 268 -28.05 -8.01 12.12
N ALA A 269 -27.09 -7.12 11.98
CA ALA A 269 -26.16 -6.81 13.07
C ALA A 269 -26.90 -6.21 14.26
N GLU A 270 -27.87 -5.35 13.98
CA GLU A 270 -28.64 -4.68 15.03
C GLU A 270 -29.51 -5.65 15.82
N LYS A 271 -30.22 -6.52 15.11
CA LYS A 271 -31.10 -7.50 15.75
C LYS A 271 -30.35 -8.54 16.57
N ILE A 272 -29.25 -9.05 16.03
CA ILE A 272 -28.46 -10.03 16.76
C ILE A 272 -27.86 -9.38 18.01
N ARG A 273 -27.42 -8.13 17.87
CA ARG A 273 -26.83 -7.40 18.98
C ARG A 273 -27.87 -7.19 20.09
N GLU A 274 -29.06 -6.76 19.68
CA GLU A 274 -30.15 -6.49 20.60
C GLU A 274 -30.74 -7.74 21.25
N GLN A 275 -31.10 -8.72 20.42
CA GLN A 275 -31.71 -9.95 20.91
C GLN A 275 -30.79 -11.01 21.51
N ALA A 276 -29.57 -11.10 21.03
CA ALA A 276 -28.62 -12.09 21.54
C ALA A 276 -27.61 -11.47 22.53
N ASP A 277 -27.71 -10.16 22.73
CA ASP A 277 -26.79 -9.48 23.64
C ASP A 277 -25.36 -9.81 23.25
N ALA A 279 -21.96 -8.72 20.73
CA ALA A 279 -21.30 -7.65 19.98
C ALA A 279 -21.35 -8.05 18.51
N THR A 280 -21.56 -7.07 17.63
CA THR A 280 -21.64 -7.38 16.20
C THR A 280 -20.82 -6.48 15.30
N GLY A 281 -20.52 -7.01 14.12
CA GLY A 281 -19.77 -6.28 13.12
C GLY A 281 -20.74 -6.03 11.97
N ALA A 282 -20.83 -4.79 11.52
CA ALA A 282 -21.71 -4.44 10.42
C ALA A 282 -20.89 -4.35 9.14
N VAL A 283 -21.44 -4.85 8.04
CA VAL A 283 -20.73 -4.83 6.76
C VAL A 283 -21.74 -4.83 5.60
N GLY A 284 -21.33 -4.28 4.46
CA GLY A 284 -22.23 -4.27 3.32
C GLY A 284 -22.51 -2.87 2.80
N ILE A 286 -20.92 0.03 3.06
CA ILE A 286 -20.71 1.14 3.99
C ILE A 286 -19.46 1.76 3.35
N THR A 287 -19.59 2.99 2.85
CA THR A 287 -18.47 3.63 2.16
C THR A 287 -18.06 5.02 2.64
N ASP A 288 -18.66 5.50 3.72
CA ASP A 288 -18.29 6.83 4.22
C ASP A 288 -18.32 6.86 5.73
N GLY A 289 -17.60 7.81 6.30
CA GLY A 289 -17.55 7.94 7.76
C GLY A 289 -18.86 8.25 8.43
N SER A 290 -19.72 9.01 7.77
CA SER A 290 -21.01 9.39 8.34
C SER A 290 -21.88 8.17 8.67
N ALA A 292 -20.79 5.10 8.95
CA ALA A 292 -20.05 4.31 9.93
C ALA A 292 -20.36 4.84 11.34
N GLU A 293 -20.32 6.15 11.49
CA GLU A 293 -20.60 6.78 12.78
C GLU A 293 -22.05 6.57 13.23
N GLU A 294 -22.99 6.68 12.30
CA GLU A 294 -24.41 6.50 12.59
C GLU A 294 -24.68 5.09 13.12
N ILE A 295 -24.11 4.11 12.44
CA ILE A 295 -24.28 2.72 12.83
C ILE A 295 -23.84 2.49 14.27
N LEU A 296 -22.67 3.04 14.63
CA LEU A 296 -22.14 2.87 15.97
C LEU A 296 -22.90 3.68 17.03
N GLN A 297 -23.16 4.94 16.73
CA GLN A 297 -23.87 5.81 17.67
C GLN A 297 -25.30 5.36 17.95
N ASN A 298 -25.97 4.79 16.95
CA ASN A 298 -27.34 4.33 17.17
C ASN A 298 -27.41 2.90 17.68
N GLY A 299 -26.26 2.38 18.12
CA GLY A 299 -26.18 1.04 18.67
C GLY A 299 -26.60 -0.09 17.75
N ARG A 300 -26.24 0.02 16.47
CA ARG A 300 -26.61 -1.02 15.52
C ARG A 300 -25.52 -2.08 15.38
N ALA A 301 -24.30 -1.73 15.77
CA ALA A 301 -23.16 -2.65 15.71
C ALA A 301 -22.01 -2.08 16.53
N ASP A 302 -20.98 -2.89 16.76
CA ASP A 302 -19.82 -2.46 17.55
C ASP A 302 -18.59 -2.17 16.72
N LEU A 303 -18.48 -2.82 15.57
CA LEU A 303 -17.34 -2.59 14.68
C LEU A 303 -17.88 -2.41 13.28
N ILE A 304 -17.21 -1.58 12.50
CA ILE A 304 -17.61 -1.31 11.12
C ILE A 304 -16.64 -1.98 10.15
N PHE A 305 -17.11 -3.02 9.47
CA PHE A 305 -16.28 -3.74 8.51
C PHE A 305 -16.40 -3.04 7.16
N ILE A 306 -15.25 -2.74 6.58
CA ILE A 306 -15.18 -2.07 5.29
C ILE A 306 -14.48 -2.97 4.29
N GLY A 307 -15.13 -3.21 3.15
CA GLY A 307 -14.54 -4.06 2.14
C GLY A 307 -14.06 -3.32 0.90
N ARG A 308 -14.93 -3.24 -0.09
CA ARG A 308 -14.61 -2.59 -1.35
C ARG A 308 -14.11 -1.15 -1.27
N GLU A 309 -14.60 -0.36 -0.32
CA GLU A 309 -14.13 1.01 -0.22
C GLU A 309 -12.64 1.02 0.15
N LEU A 310 -12.18 0.00 0.87
CA LEU A 310 -10.76 -0.08 1.25
C LEU A 310 -9.93 -0.55 0.06
N LEU A 311 -10.61 -1.00 -1.00
CA LEU A 311 -9.90 -1.42 -2.21
C LEU A 311 -9.73 -0.17 -3.08
N ARG A 312 -10.70 0.73 -2.98
CA ARG A 312 -10.67 1.98 -3.75
C ARG A 312 -9.84 3.04 -3.02
N ASP A 313 -9.88 3.01 -1.69
CA ASP A 313 -9.18 3.98 -0.87
C ASP A 313 -8.55 3.30 0.34
N PRO A 314 -7.29 2.86 0.21
CA PRO A 314 -6.55 2.19 1.28
C PRO A 314 -6.48 3.03 2.55
N PHE A 315 -6.53 4.35 2.38
CA PHE A 315 -6.45 5.26 3.52
C PHE A 315 -7.82 5.82 3.93
N PHE A 316 -8.83 4.97 3.79
CA PHE A 316 -10.21 5.31 4.16
C PHE A 316 -10.32 5.89 5.56
N ALA A 317 -9.47 5.44 6.48
CA ALA A 317 -9.50 5.93 7.85
C ALA A 317 -9.32 7.45 7.84
N ARG A 318 -8.35 7.92 7.06
CA ARG A 318 -8.08 9.35 6.97
C ARG A 318 -9.26 10.05 6.32
N THR A 319 -9.78 9.48 5.25
CA THR A 319 -10.92 10.05 4.54
C THR A 319 -12.13 10.17 5.45
N ALA A 320 -12.39 9.10 6.21
CA ALA A 320 -13.52 9.06 7.13
C ALA A 320 -13.34 10.09 8.24
N ALA A 321 -12.11 10.28 8.69
CA ALA A 321 -11.83 11.25 9.74
C ALA A 321 -12.18 12.66 9.25
N LYS A 322 -11.80 12.95 8.01
CA LYS A 322 -12.08 14.26 7.43
C LYS A 322 -13.57 14.46 7.24
N GLN A 323 -14.27 13.42 6.83
CA GLN A 323 -15.71 13.48 6.62
C GLN A 323 -16.43 13.78 7.92
N LEU A 324 -15.88 13.29 9.03
CA LEU A 324 -16.46 13.50 10.35
C LEU A 324 -15.87 14.72 11.05
N ASN A 325 -15.11 15.51 10.30
CA ASN A 325 -14.46 16.71 10.83
C ASN A 325 -13.70 16.46 12.12
N THR A 326 -12.89 15.40 12.13
CA THR A 326 -12.10 15.09 13.30
C THR A 326 -10.68 14.80 12.82
N GLU A 327 -9.78 14.54 13.76
CA GLU A 327 -8.40 14.25 13.39
C GLU A 327 -7.92 12.97 14.03
N ILE A 328 -7.05 12.26 13.32
CA ILE A 328 -6.49 11.02 13.82
C ILE A 328 -4.99 11.05 13.55
N PRO A 329 -4.21 10.32 14.37
CA PRO A 329 -2.77 10.30 14.16
C PRO A 329 -2.43 9.77 12.77
N ALA A 330 -1.43 10.36 12.13
CA ALA A 330 -1.02 9.92 10.82
C ALA A 330 0.22 9.06 11.00
N PRO A 331 0.51 8.17 10.03
CA PRO A 331 1.71 7.34 10.19
C PRO A 331 2.85 8.36 10.19
N VAL A 332 3.83 8.19 11.08
CA VAL A 332 4.92 9.13 11.19
C VAL A 332 5.54 9.59 9.87
N GLN A 333 5.74 8.65 8.94
CA GLN A 333 6.35 8.99 7.66
C GLN A 333 5.54 9.90 6.74
N TYR A 334 4.23 9.99 6.98
CA TYR A 334 3.39 10.82 6.13
C TYR A 334 2.88 12.09 6.83
N GLU A 335 3.51 12.45 7.95
CA GLU A 335 3.11 13.64 8.71
C GLU A 335 3.00 14.91 7.86
N ARG A 336 3.84 15.03 6.85
CA ARG A 336 3.81 16.22 6.02
C ARG A 336 2.83 16.16 4.84
N GLY A 337 2.02 15.13 4.81
CA GLY A 337 1.06 14.99 3.73
C GLY A 337 -0.36 14.86 4.24
N TRP A 338 -0.52 14.11 5.33
CA TRP A 338 -1.84 13.89 5.94
C TRP A 338 -2.39 15.13 6.64
N ALA B 2 -9.37 9.73 -25.46
CA ALA B 2 -8.82 9.40 -24.11
C ALA B 2 -8.10 10.61 -23.52
N ARG B 3 -7.74 10.51 -22.24
CA ARG B 3 -7.05 11.60 -21.57
C ARG B 3 -5.54 11.44 -21.77
N LYS B 4 -4.87 12.56 -21.98
CA LYS B 4 -3.43 12.53 -22.19
C LYS B 4 -2.71 11.95 -20.97
N LEU B 5 -3.23 12.27 -19.78
CA LEU B 5 -2.64 11.78 -18.54
C LEU B 5 -2.58 10.27 -18.47
N PHE B 6 -3.49 9.61 -19.18
CA PHE B 6 -3.52 8.15 -19.18
C PHE B 6 -3.16 7.53 -20.52
N THR B 7 -2.39 8.25 -21.31
CA THR B 7 -1.92 7.77 -22.60
C THR B 7 -0.45 7.40 -22.41
N PRO B 8 -0.05 6.22 -22.92
CA PRO B 8 1.35 5.80 -22.77
C PRO B 8 2.33 6.79 -23.40
N ILE B 9 3.55 6.79 -22.89
CA ILE B 9 4.59 7.66 -23.40
C ILE B 9 5.89 6.87 -23.34
N THR B 10 6.69 6.97 -24.40
CA THR B 10 7.94 6.24 -24.45
C THR B 10 9.14 7.18 -24.37
N ILE B 11 10.06 6.86 -23.46
CA ILE B 11 11.28 7.64 -23.28
C ILE B 11 12.40 6.61 -23.42
N LYS B 12 13.16 6.71 -24.50
CA LYS B 12 14.25 5.78 -24.76
C LYS B 12 13.63 4.40 -25.04
N ASP B 13 13.99 3.41 -24.25
CA ASP B 13 13.45 2.07 -24.43
C ASP B 13 12.38 1.79 -23.38
N THR B 15 8.58 2.48 -21.77
CA THR B 15 7.22 2.94 -22.05
C THR B 15 6.42 2.92 -20.76
N LEU B 16 5.85 4.08 -20.42
CA LEU B 16 5.05 4.23 -19.22
C LEU B 16 3.58 4.10 -19.62
N LYS B 17 2.79 3.41 -18.81
CA LYS B 17 1.38 3.23 -19.15
C LYS B 17 0.54 4.48 -18.96
N ASN B 18 1.02 5.40 -18.15
CA ASN B 18 0.34 6.68 -17.95
C ASN B 18 1.40 7.72 -17.62
N ARG B 19 1.01 8.97 -17.48
CA ARG B 19 2.00 10.01 -17.24
C ARG B 19 2.08 10.54 -15.82
N ILE B 20 1.63 9.71 -14.88
CA ILE B 20 1.65 10.05 -13.46
C ILE B 20 2.93 9.46 -12.86
N VAL B 21 3.69 10.30 -12.14
CA VAL B 21 4.93 9.87 -11.53
C VAL B 21 4.89 10.13 -10.03
N SER B 23 6.61 11.32 -7.14
CA SER B 23 7.78 12.15 -6.87
C SER B 23 8.62 11.52 -5.74
N PRO B 24 9.95 11.61 -5.85
CA PRO B 24 10.80 11.02 -4.80
C PRO B 24 10.50 11.64 -3.44
N CYS B 26 11.68 11.14 0.71
CA CYS B 26 12.41 10.50 1.81
C CYS B 26 11.46 9.98 2.88
N TYR B 28 12.83 8.37 5.70
CA TYR B 28 13.62 8.33 6.93
C TYR B 28 13.31 7.07 7.72
N SER B 29 13.35 5.92 7.03
CA SER B 29 13.02 4.66 7.68
C SER B 29 14.10 3.57 7.66
N SER B 30 15.32 3.93 7.29
CA SER B 30 16.41 2.97 7.30
C SER B 30 16.94 3.04 8.74
N HIS B 31 16.18 2.43 9.66
CA HIS B 31 16.51 2.47 11.08
C HIS B 31 17.85 1.89 11.51
N GLU B 32 18.41 0.96 10.75
CA GLU B 32 19.71 0.40 11.09
C GLU B 32 20.85 1.32 10.67
N LYS B 33 20.47 2.47 10.11
CA LYS B 33 21.42 3.49 9.68
C LYS B 33 22.49 2.99 8.71
N ASP B 34 22.14 2.00 7.91
CA ASP B 34 23.08 1.44 6.93
C ASP B 34 22.61 1.68 5.50
N GLY B 35 21.58 2.52 5.36
CA GLY B 35 21.06 2.84 4.04
C GLY B 35 20.25 1.75 3.35
N LYS B 36 20.03 0.63 4.03
CA LYS B 36 19.29 -0.47 3.42
C LYS B 36 17.77 -0.32 3.53
N LEU B 37 17.06 -0.97 2.62
CA LEU B 37 15.60 -0.94 2.61
C LEU B 37 15.05 -1.77 3.75
N THR B 38 13.81 -1.46 4.15
CA THR B 38 13.14 -2.18 5.23
C THR B 38 11.75 -2.58 4.73
N PRO B 39 11.07 -3.47 5.47
CA PRO B 39 9.74 -3.90 5.06
C PRO B 39 8.80 -2.72 4.82
N PHE B 40 8.94 -1.65 5.62
CA PHE B 40 8.09 -0.49 5.44
C PHE B 40 8.25 0.09 4.03
N HIS B 41 9.50 0.25 3.60
CA HIS B 41 9.77 0.80 2.27
C HIS B 41 9.09 -0.05 1.20
N ALA B 43 6.34 -2.01 1.40
CA ALA B 43 4.90 -1.80 1.39
C ALA B 43 4.58 -0.40 0.86
N HIS B 44 5.35 0.58 1.30
CA HIS B 44 5.18 1.97 0.88
C HIS B 44 5.21 2.14 -0.63
N TYR B 45 6.29 1.70 -1.26
CA TYR B 45 6.43 1.84 -2.71
C TYR B 45 5.56 0.90 -3.54
N ILE B 46 5.52 -0.37 -3.17
CA ILE B 46 4.74 -1.34 -3.92
C ILE B 46 3.24 -1.06 -3.91
N SER B 47 2.72 -0.48 -2.83
CA SER B 47 1.30 -0.17 -2.80
C SER B 47 0.91 0.84 -3.87
N ARG B 48 1.82 1.75 -4.24
CA ARG B 48 1.50 2.71 -5.29
C ARG B 48 1.61 2.06 -6.67
N ALA B 49 2.29 0.93 -6.74
CA ALA B 49 2.43 0.20 -8.01
C ALA B 49 1.12 -0.55 -8.19
N ILE B 50 0.59 -1.09 -7.09
CA ILE B 50 -0.69 -1.78 -7.14
C ILE B 50 -1.68 -0.69 -7.54
N GLY B 51 -1.41 0.53 -7.05
CA GLY B 51 -2.23 1.69 -7.33
C GLY B 51 -2.14 2.28 -8.73
N GLN B 52 -1.40 1.62 -9.62
CA GLN B 52 -1.26 2.03 -11.02
C GLN B 52 -0.47 3.30 -11.35
N VAL B 53 0.45 3.71 -10.50
CA VAL B 53 1.27 4.89 -10.79
C VAL B 53 2.20 4.47 -11.95
N GLY B 54 2.21 5.25 -13.02
CA GLY B 54 3.03 4.92 -14.17
C GLY B 54 4.52 4.73 -13.90
N LEU B 55 5.09 5.64 -13.12
CA LEU B 55 6.51 5.58 -12.77
C LEU B 55 6.72 6.00 -11.33
N ILE B 56 7.42 5.15 -10.58
CA ILE B 56 7.71 5.43 -9.17
C ILE B 56 9.18 5.76 -9.01
N ILE B 57 9.48 6.95 -8.52
CA ILE B 57 10.86 7.35 -8.29
C ILE B 57 11.17 7.19 -6.81
N VAL B 58 12.13 6.31 -6.51
CA VAL B 58 12.55 6.07 -5.13
C VAL B 58 13.23 7.31 -4.56
N GLU B 59 12.97 7.57 -3.29
CA GLU B 59 13.51 8.70 -2.52
C GLU B 59 15.01 8.91 -2.68
N ALA B 60 15.47 10.12 -2.32
CA ALA B 60 16.89 10.46 -2.40
C ALA B 60 17.75 9.37 -1.76
N SER B 61 18.60 8.74 -2.57
CA SER B 61 19.48 7.69 -2.07
C SER B 61 20.93 8.18 -2.19
N ALA B 62 21.61 8.28 -1.05
CA ALA B 62 22.98 8.79 -1.01
C ALA B 62 24.04 7.95 -1.71
N VAL B 63 24.89 8.63 -2.49
CA VAL B 63 25.97 7.98 -3.23
C VAL B 63 27.24 7.84 -2.36
N ASN B 64 27.18 8.44 -1.17
CA ASN B 64 28.26 8.39 -0.19
C ASN B 64 27.55 8.51 1.16
N PRO B 65 27.99 7.73 2.17
CA PRO B 65 27.36 7.79 3.49
C PRO B 65 27.32 9.19 4.11
N GLN B 66 28.33 10.01 3.83
CA GLN B 66 28.37 11.36 4.38
C GLN B 66 27.56 12.31 3.49
N GLY B 67 26.92 11.73 2.48
CA GLY B 67 26.09 12.50 1.56
C GLY B 67 24.61 12.33 1.88
N ARG B 68 24.32 11.59 2.95
CA ARG B 68 22.93 11.38 3.36
C ARG B 68 22.44 12.66 4.02
N ILE B 69 21.13 12.85 4.01
CA ILE B 69 20.53 14.02 4.65
C ILE B 69 20.51 13.69 6.15
N THR B 70 20.08 12.47 6.48
CA THR B 70 20.02 12.00 7.86
C THR B 70 20.55 10.57 7.85
N ASP B 71 20.86 10.02 9.02
CA ASP B 71 21.37 8.64 9.06
C ASP B 71 20.26 7.61 8.86
N GLN B 72 19.04 8.09 8.62
CA GLN B 72 17.89 7.21 8.40
C GLN B 72 17.56 7.10 6.90
N ASP B 73 18.37 7.75 6.06
CA ASP B 73 18.14 7.73 4.61
C ASP B 73 18.53 6.43 3.93
N LEU B 74 17.99 6.23 2.74
CA LEU B 74 18.34 5.06 1.95
C LEU B 74 19.70 5.39 1.34
N GLY B 75 20.43 4.36 0.94
CA GLY B 75 21.73 4.58 0.33
C GLY B 75 21.95 3.66 -0.84
N ILE B 76 22.94 4.00 -1.67
CA ILE B 76 23.28 3.19 -2.83
C ILE B 76 24.77 3.35 -3.07
N TRP B 77 25.49 3.60 -1.98
CA TRP B 77 26.94 3.79 -2.01
C TRP B 77 27.69 2.47 -1.84
N SER B 78 26.95 1.40 -1.60
CA SER B 78 27.54 0.08 -1.39
C SER B 78 26.89 -1.01 -2.22
N ASP B 79 27.68 -2.01 -2.61
CA ASP B 79 27.16 -3.14 -3.39
C ASP B 79 26.19 -3.92 -2.50
N GLU B 80 26.26 -3.68 -1.20
CA GLU B 80 25.38 -4.35 -0.24
C GLU B 80 23.95 -3.86 -0.40
N HIS B 81 23.77 -2.72 -1.06
CA HIS B 81 22.46 -2.14 -1.26
C HIS B 81 21.75 -2.75 -2.47
N ILE B 82 22.52 -3.38 -3.35
CA ILE B 82 21.97 -3.97 -4.57
C ILE B 82 20.88 -5.02 -4.35
N GLU B 83 21.13 -5.96 -3.44
CA GLU B 83 20.17 -7.03 -3.16
C GLU B 83 18.77 -6.53 -2.81
N GLY B 84 18.70 -5.56 -1.90
CA GLY B 84 17.41 -5.04 -1.50
C GLY B 84 16.70 -4.31 -2.63
N PHE B 85 17.44 -3.49 -3.36
CA PHE B 85 16.86 -2.74 -4.47
C PHE B 85 16.39 -3.69 -5.55
N ALA B 86 17.11 -4.80 -5.73
CA ALA B 86 16.75 -5.78 -6.75
C ALA B 86 15.37 -6.36 -6.48
N LYS B 87 15.05 -6.60 -5.20
CA LYS B 87 13.76 -7.14 -4.82
C LYS B 87 12.68 -6.08 -5.05
N LEU B 88 13.00 -4.83 -4.71
CA LEU B 88 12.06 -3.72 -4.87
C LEU B 88 11.68 -3.48 -6.33
N THR B 89 12.67 -3.38 -7.21
CA THR B 89 12.35 -3.13 -8.62
C THR B 89 11.55 -4.30 -9.19
N GLU B 90 11.93 -5.53 -8.83
CA GLU B 90 11.22 -6.70 -9.33
C GLU B 90 9.76 -6.68 -8.93
N GLN B 91 9.50 -6.41 -7.65
CA GLN B 91 8.14 -6.38 -7.13
C GLN B 91 7.32 -5.20 -7.63
N VAL B 92 7.94 -4.05 -7.83
CA VAL B 92 7.21 -2.90 -8.32
C VAL B 92 6.86 -3.12 -9.80
N LYS B 93 7.81 -3.63 -10.57
CA LYS B 93 7.57 -3.87 -11.98
C LYS B 93 6.55 -4.99 -12.20
N GLU B 94 6.44 -5.89 -11.23
CA GLU B 94 5.48 -6.98 -11.32
C GLU B 94 4.05 -6.43 -11.37
N GLN B 95 3.85 -5.23 -10.85
CA GLN B 95 2.52 -4.62 -10.86
C GLN B 95 2.25 -3.86 -12.15
N GLY B 96 3.29 -3.60 -12.93
CA GLY B 96 3.09 -2.88 -14.18
C GLY B 96 3.67 -1.48 -14.19
N SER B 97 4.23 -1.05 -13.06
CA SER B 97 4.82 0.26 -12.97
C SER B 97 6.31 0.19 -13.30
N LYS B 98 6.85 1.31 -13.79
CA LYS B 98 8.28 1.37 -14.07
C LYS B 98 8.83 2.01 -12.81
N ILE B 99 10.12 1.85 -12.55
CA ILE B 99 10.69 2.41 -11.34
C ILE B 99 12.02 3.13 -11.57
N GLY B 100 12.24 4.20 -10.81
CA GLY B 100 13.46 4.95 -10.94
C GLY B 100 14.04 5.22 -9.57
N ILE B 101 15.28 5.69 -9.52
CA ILE B 101 15.90 6.01 -8.25
C ILE B 101 16.58 7.38 -8.36
N GLN B 102 16.51 8.15 -7.28
CA GLN B 102 17.13 9.46 -7.28
C GLN B 102 18.48 9.38 -6.58
N LEU B 103 19.56 9.56 -7.35
CA LEU B 103 20.92 9.52 -6.81
C LEU B 103 21.17 10.88 -6.17
N ALA B 104 21.59 10.87 -4.91
CA ALA B 104 21.78 12.14 -4.22
C ALA B 104 22.99 12.28 -3.30
N HIS B 105 23.22 13.51 -2.89
CA HIS B 105 24.30 13.87 -1.97
C HIS B 105 23.87 15.20 -1.37
N ALA B 106 23.59 15.19 -0.07
CA ALA B 106 23.11 16.36 0.65
C ALA B 106 24.07 17.54 0.77
N GLY B 107 25.36 17.33 0.52
CA GLY B 107 26.31 18.43 0.64
C GLY B 107 26.28 19.09 2.01
N ARG B 108 26.24 20.42 2.02
CA ARG B 108 26.24 21.18 3.27
C ARG B 108 24.93 21.06 4.06
N LYS B 109 23.93 20.38 3.51
CA LYS B 109 22.67 20.21 4.22
C LYS B 109 22.60 18.83 4.88
N ALA B 110 23.73 18.13 4.88
CA ALA B 110 23.78 16.81 5.52
C ALA B 110 23.71 17.00 7.04
N GLU B 111 22.78 16.28 7.68
CA GLU B 111 22.60 16.37 9.12
C GLU B 111 23.29 15.17 9.77
N LEU B 112 24.60 15.09 9.61
CA LEU B 112 25.37 13.98 10.15
C LEU B 112 26.54 14.46 11.00
N GLU B 113 27.11 13.56 11.79
CA GLU B 113 28.24 13.89 12.64
C GLU B 113 29.50 13.81 11.77
N GLY B 114 30.50 14.63 12.09
CA GLY B 114 31.72 14.64 11.32
C GLY B 114 31.63 15.67 10.22
N ASP B 115 32.74 15.92 9.53
CA ASP B 115 32.74 16.92 8.46
C ASP B 115 31.73 16.64 7.36
N ILE B 116 31.10 17.69 6.87
CA ILE B 116 30.16 17.59 5.76
C ILE B 116 30.84 18.40 4.65
N PHE B 117 30.48 18.13 3.40
CA PHE B 117 31.15 18.82 2.30
C PHE B 117 30.30 19.71 1.41
N ALA B 118 30.98 20.61 0.70
CA ALA B 118 30.32 21.54 -0.21
C ALA B 118 31.37 22.18 -1.13
N PRO B 119 30.92 22.92 -2.15
CA PRO B 119 31.88 23.56 -3.05
C PRO B 119 32.69 24.62 -2.32
N SER B 120 32.06 25.26 -1.35
CA SER B 120 32.71 26.32 -0.57
C SER B 120 32.33 26.23 0.90
N ALA B 121 33.21 26.72 1.77
CA ALA B 121 32.96 26.67 3.21
C ALA B 121 31.93 27.71 3.64
N ILE B 122 30.70 27.55 3.19
CA ILE B 122 29.60 28.45 3.51
C ILE B 122 28.46 27.61 4.06
N ALA B 123 28.05 27.90 5.29
CA ALA B 123 26.98 27.15 5.94
C ALA B 123 25.61 27.48 5.36
N PHE B 124 24.71 26.50 5.44
CA PHE B 124 23.33 26.67 4.94
C PHE B 124 22.63 27.81 5.66
N ASP B 125 22.73 27.83 6.99
CA ASP B 125 22.14 28.89 7.80
C ASP B 125 22.81 28.94 9.17
N GLU B 126 22.23 29.71 10.08
CA GLU B 126 22.78 29.87 11.43
C GLU B 126 22.81 28.61 12.28
N GLN B 127 21.87 27.70 12.03
CA GLN B 127 21.81 26.46 12.79
C GLN B 127 22.52 25.30 12.09
N SER B 128 23.34 25.60 11.10
CA SER B 128 24.05 24.56 10.36
C SER B 128 25.56 24.68 10.50
N ALA B 129 26.23 23.53 10.49
CA ALA B 129 27.68 23.48 10.59
C ALA B 129 28.29 24.00 9.30
N THR B 130 29.47 24.60 9.41
CA THR B 130 30.16 25.10 8.23
C THR B 130 30.75 23.90 7.53
N PRO B 131 30.46 23.74 6.22
CA PRO B 131 31.00 22.60 5.48
C PRO B 131 32.46 22.74 5.09
N VAL B 132 33.09 21.61 4.79
CA VAL B 132 34.47 21.61 4.35
C VAL B 132 34.47 21.84 2.85
N GLU B 133 35.31 22.75 2.38
CA GLU B 133 35.40 23.01 0.95
C GLU B 133 36.03 21.79 0.30
N SER B 135 38.11 19.41 -1.96
CA SER B 135 39.33 19.61 -2.72
C SER B 135 38.92 19.15 -4.11
N ALA B 136 39.66 19.56 -5.13
CA ALA B 136 39.33 19.17 -6.50
C ALA B 136 39.26 17.66 -6.63
N GLU B 137 40.14 16.96 -5.91
CA GLU B 137 40.14 15.50 -5.98
C GLU B 137 38.91 14.92 -5.32
N LYS B 138 38.46 15.54 -4.23
CA LYS B 138 37.26 15.07 -3.52
C LYS B 138 36.07 15.24 -4.45
N VAL B 139 36.07 16.31 -5.24
CA VAL B 139 34.99 16.57 -6.18
C VAL B 139 34.99 15.44 -7.22
N LYS B 140 36.18 15.08 -7.68
CA LYS B 140 36.31 14.01 -8.67
C LYS B 140 35.91 12.66 -8.10
N GLU B 141 36.19 12.43 -6.82
CA GLU B 141 35.82 11.16 -6.21
C GLU B 141 34.29 11.08 -6.15
N THR B 142 33.65 12.22 -5.86
CA THR B 142 32.20 12.26 -5.77
C THR B 142 31.58 11.98 -7.13
N VAL B 143 32.19 12.52 -8.19
CA VAL B 143 31.69 12.27 -9.54
C VAL B 143 31.71 10.76 -9.76
N GLN B 144 32.81 10.11 -9.39
CA GLN B 144 32.92 8.68 -9.57
C GLN B 144 31.89 7.92 -8.72
N GLU B 145 31.53 8.49 -7.57
CA GLU B 145 30.55 7.83 -6.72
C GLU B 145 29.16 7.87 -7.34
N PHE B 146 28.87 8.93 -8.09
CA PHE B 146 27.57 9.01 -8.77
C PHE B 146 27.58 7.96 -9.88
N LYS B 147 28.73 7.82 -10.53
CA LYS B 147 28.90 6.85 -11.61
C LYS B 147 28.73 5.44 -11.05
N GLN B 148 29.42 5.16 -9.95
CA GLN B 148 29.35 3.85 -9.32
C GLN B 148 27.94 3.54 -8.84
N ALA B 149 27.26 4.57 -8.32
CA ALA B 149 25.90 4.40 -7.84
C ALA B 149 24.98 4.06 -9.01
N ALA B 150 25.19 4.74 -10.15
CA ALA B 150 24.38 4.49 -11.32
C ALA B 150 24.56 3.04 -11.78
N ALA B 151 25.80 2.56 -11.72
CA ALA B 151 26.09 1.18 -12.11
C ALA B 151 25.32 0.21 -11.21
N ARG B 152 25.24 0.52 -9.93
CA ARG B 152 24.51 -0.34 -8.99
C ARG B 152 23.03 -0.31 -9.31
N ALA B 153 22.52 0.89 -9.63
CA ALA B 153 21.10 1.06 -9.96
C ALA B 153 20.74 0.20 -11.17
N LYS B 154 21.59 0.23 -12.19
CA LYS B 154 21.36 -0.56 -13.40
C LYS B 154 21.32 -2.05 -13.01
N GLU B 155 22.30 -2.48 -12.23
CA GLU B 155 22.36 -3.86 -11.80
C GLU B 155 21.11 -4.27 -11.01
N ALA B 156 20.64 -3.37 -10.15
CA ALA B 156 19.45 -3.66 -9.34
C ALA B 156 18.15 -3.69 -10.14
N GLY B 157 18.20 -3.29 -11.40
CA GLY B 157 17.02 -3.33 -12.24
C GLY B 157 16.17 -2.09 -12.41
N PHE B 158 16.70 -0.92 -12.04
CA PHE B 158 15.90 0.30 -12.20
C PHE B 158 15.71 0.64 -13.67
N ASP B 159 14.57 1.26 -13.98
CA ASP B 159 14.25 1.65 -15.35
C ASP B 159 14.75 3.06 -15.67
N VAL B 160 14.76 3.92 -14.66
CA VAL B 160 15.17 5.31 -14.81
C VAL B 160 16.12 5.72 -13.69
N ILE B 161 17.03 6.63 -14.00
CA ILE B 161 17.96 7.16 -13.01
C ILE B 161 17.78 8.67 -13.04
N GLU B 162 17.62 9.26 -11.86
CA GLU B 162 17.50 10.71 -11.77
C GLU B 162 18.60 11.26 -10.88
N ILE B 163 19.25 12.32 -11.36
CA ILE B 163 20.32 12.97 -10.62
C ILE B 163 19.67 14.08 -9.80
N HIS B 164 19.90 14.06 -8.48
CA HIS B 164 19.34 15.08 -7.59
C HIS B 164 20.21 16.33 -7.58
N ALA B 165 19.89 17.29 -8.45
CA ALA B 165 20.64 18.54 -8.54
C ALA B 165 19.82 19.72 -8.03
N ALA B 166 18.93 19.43 -7.08
CA ALA B 166 18.06 20.48 -6.55
C ALA B 166 18.05 20.58 -5.03
N HIS B 167 17.11 21.38 -4.55
CA HIS B 167 16.88 21.59 -3.13
C HIS B 167 18.07 21.91 -2.23
N GLY B 168 19.01 22.67 -2.77
CA GLY B 168 20.17 23.09 -2.00
C GLY B 168 21.18 22.04 -1.62
N TYR B 169 21.09 20.85 -2.21
CA TYR B 169 22.05 19.80 -1.89
C TYR B 169 23.35 20.01 -2.67
N LEU B 170 24.26 19.04 -2.62
CA LEU B 170 25.57 19.20 -3.26
C LEU B 170 25.65 19.79 -4.67
N ILE B 171 25.03 19.14 -5.65
CA ILE B 171 25.10 19.66 -7.02
C ILE B 171 24.53 21.07 -7.16
N HIS B 172 23.38 21.31 -6.52
CA HIS B 172 22.76 22.63 -6.57
C HIS B 172 23.74 23.65 -6.00
N GLU B 173 24.41 23.29 -4.91
CA GLU B 173 25.38 24.18 -4.28
C GLU B 173 26.47 24.60 -5.25
N PHE B 174 26.90 23.67 -6.11
CA PHE B 174 27.93 23.98 -7.10
C PHE B 174 27.37 24.89 -8.18
N LEU B 175 26.12 24.67 -8.55
CA LEU B 175 25.47 25.45 -9.60
C LEU B 175 25.23 26.93 -9.30
N SER B 176 24.91 27.23 -8.05
CA SER B 176 24.62 28.62 -7.67
C SER B 176 25.78 29.44 -7.14
N PRO B 177 25.92 30.68 -7.63
CA PRO B 177 26.99 31.58 -7.19
C PRO B 177 26.82 32.00 -5.74
N LEU B 178 25.65 31.73 -5.17
CA LEU B 178 25.39 32.09 -3.78
C LEU B 178 26.13 31.14 -2.84
N SER B 179 26.33 29.91 -3.30
CA SER B 179 26.98 28.89 -2.51
C SER B 179 28.34 28.44 -3.05
N ASN B 180 28.61 28.79 -4.31
CA ASN B 180 29.86 28.39 -4.95
C ASN B 180 30.75 29.59 -5.21
N HIS B 181 31.82 29.71 -4.41
CA HIS B 181 32.78 30.81 -4.55
C HIS B 181 34.15 30.31 -5.01
N ARG B 182 34.21 29.08 -5.50
CA ARG B 182 35.45 28.49 -5.96
C ARG B 182 36.06 29.28 -7.12
N THR B 183 37.38 29.24 -7.23
CA THR B 183 38.07 29.93 -8.30
C THR B 183 38.86 28.94 -9.16
N ASP B 184 38.57 27.64 -8.98
CA ASP B 184 39.23 26.62 -9.76
C ASP B 184 38.33 26.22 -10.93
N GLU B 185 38.56 25.04 -11.51
CA GLU B 185 37.76 24.62 -12.65
C GLU B 185 36.28 24.40 -12.34
N TYR B 186 35.92 24.35 -11.06
CA TYR B 186 34.52 24.12 -10.69
C TYR B 186 33.76 25.38 -10.26
N GLY B 187 34.34 26.55 -10.51
CA GLY B 187 33.69 27.80 -10.14
C GLY B 187 34.14 28.97 -10.99
N GLY B 188 33.51 30.12 -10.81
CA GLY B 188 33.93 31.30 -11.56
C GLY B 188 33.09 31.74 -12.75
N SER B 189 32.47 30.80 -13.44
CA SER B 189 31.63 31.13 -14.59
C SER B 189 30.48 30.12 -14.61
N PRO B 190 29.42 30.40 -15.38
CA PRO B 190 28.28 29.48 -15.45
C PRO B 190 28.74 28.10 -15.91
N GLU B 191 29.65 28.07 -16.87
CA GLU B 191 30.17 26.81 -17.39
C GLU B 191 30.90 26.03 -16.30
N ASN B 192 31.74 26.70 -15.54
CA ASN B 192 32.47 26.04 -14.47
C ASN B 192 31.58 25.61 -13.32
N ARG B 193 30.57 26.41 -12.99
CA ARG B 193 29.66 26.05 -11.91
C ARG B 193 28.84 24.84 -12.32
N TYR B 194 28.68 24.66 -13.63
CA TYR B 194 27.92 23.54 -14.18
C TYR B 194 28.80 22.29 -14.39
N ARG B 195 30.11 22.50 -14.42
CA ARG B 195 31.07 21.41 -14.65
C ARG B 195 30.86 20.14 -13.82
N PHE B 196 30.60 20.30 -12.54
CA PHE B 196 30.38 19.15 -11.66
C PHE B 196 29.24 18.30 -12.22
N LEU B 197 28.11 18.94 -12.53
CA LEU B 197 26.97 18.22 -13.10
C LEU B 197 27.33 17.65 -14.46
N ARG B 198 28.07 18.41 -15.26
CA ARG B 198 28.47 17.95 -16.59
C ARG B 198 29.26 16.65 -16.50
N GLU B 199 30.21 16.60 -15.57
CA GLU B 199 31.03 15.40 -15.41
C GLU B 199 30.21 14.23 -14.88
N ILE B 200 29.26 14.52 -13.99
CA ILE B 200 28.40 13.49 -13.43
C ILE B 200 27.56 12.86 -14.54
N ILE B 201 27.01 13.69 -15.41
CA ILE B 201 26.18 13.21 -16.51
C ILE B 201 27.03 12.35 -17.46
N ASP B 202 28.18 12.87 -17.86
CA ASP B 202 29.04 12.13 -18.76
C ASP B 202 29.49 10.79 -18.18
N GLU B 203 29.87 10.78 -16.89
CA GLU B 203 30.32 9.55 -16.26
C GLU B 203 29.19 8.54 -16.10
N VAL B 204 28.00 9.01 -15.73
CA VAL B 204 26.85 8.12 -15.58
C VAL B 204 26.54 7.48 -16.94
N LYS B 205 26.68 8.28 -18.00
CA LYS B 205 26.42 7.81 -19.36
C LYS B 205 27.36 6.66 -19.76
N GLN B 206 28.51 6.58 -19.10
CA GLN B 206 29.47 5.51 -19.40
C GLN B 206 29.02 4.15 -18.90
N VAL B 207 28.12 4.14 -17.92
CA VAL B 207 27.63 2.88 -17.36
C VAL B 207 26.11 2.72 -17.46
N TRP B 208 25.43 3.75 -17.95
CA TRP B 208 23.97 3.73 -18.07
C TRP B 208 23.49 4.47 -19.30
N ASP B 209 22.82 3.78 -20.21
CA ASP B 209 22.33 4.44 -21.42
C ASP B 209 20.80 4.50 -21.44
N GLY B 210 20.18 4.15 -20.32
CA GLY B 210 18.73 4.18 -20.24
C GLY B 210 18.23 5.58 -19.92
N PRO B 211 16.92 5.75 -19.69
CA PRO B 211 16.36 7.08 -19.38
C PRO B 211 17.16 7.78 -18.28
N LEU B 212 17.48 9.05 -18.49
CA LEU B 212 18.22 9.81 -17.49
C LEU B 212 17.51 11.13 -17.21
N PHE B 213 17.08 11.30 -15.96
CA PHE B 213 16.38 12.50 -15.50
C PHE B 213 17.32 13.32 -14.63
N VAL B 214 17.01 14.61 -14.52
CA VAL B 214 17.78 15.48 -13.64
C VAL B 214 16.80 16.43 -12.97
N ARG B 215 16.75 16.39 -11.65
CA ARG B 215 15.86 17.29 -10.92
C ARG B 215 16.65 18.52 -10.53
N VAL B 216 16.08 19.70 -10.81
CA VAL B 216 16.74 20.95 -10.49
C VAL B 216 15.82 21.84 -9.67
N SER B 217 16.39 22.86 -9.02
CA SER B 217 15.61 23.85 -8.30
C SER B 217 15.72 24.99 -9.30
N ALA B 218 14.66 25.20 -10.09
CA ALA B 218 14.63 26.21 -11.14
C ALA B 218 14.84 27.66 -10.73
N SER B 219 14.87 27.91 -9.43
CA SER B 219 15.09 29.26 -8.93
C SER B 219 15.54 29.23 -7.48
N ASP B 220 16.37 30.20 -7.11
CA ASP B 220 16.84 30.31 -5.74
C ASP B 220 15.97 31.35 -5.01
N TYR B 221 15.10 32.02 -5.77
CA TYR B 221 14.23 33.05 -5.23
C TYR B 221 15.05 34.04 -4.40
N THR B 222 16.29 34.25 -4.82
CA THR B 222 17.18 35.14 -4.09
C THR B 222 17.99 36.06 -4.99
N ASP B 223 18.14 37.31 -4.58
CA ASP B 223 18.91 38.29 -5.34
C ASP B 223 20.33 37.76 -5.50
N LYS B 224 20.84 37.81 -6.73
CA LYS B 224 22.18 37.33 -7.05
C LYS B 224 22.23 35.81 -7.18
N GLY B 225 21.10 35.15 -6.92
CA GLY B 225 21.06 33.70 -7.03
C GLY B 225 20.61 33.29 -8.41
N LEU B 226 20.40 31.99 -8.61
CA LEU B 226 19.97 31.48 -9.91
C LEU B 226 18.48 31.73 -10.13
N ASP B 227 18.10 31.95 -11.38
CA ASP B 227 16.69 32.14 -11.72
C ASP B 227 16.38 31.28 -12.94
N ILE B 228 15.14 31.31 -13.40
CA ILE B 228 14.76 30.46 -14.53
C ILE B 228 15.62 30.66 -15.79
N ALA B 229 16.09 31.88 -16.03
CA ALA B 229 16.93 32.13 -17.20
C ALA B 229 18.20 31.29 -17.13
N ASP B 230 18.78 31.20 -15.94
CA ASP B 230 19.98 30.42 -15.72
C ASP B 230 19.75 28.94 -15.99
N HIS B 231 18.61 28.43 -15.53
CA HIS B 231 18.29 27.02 -15.72
C HIS B 231 17.90 26.66 -17.15
N ILE B 232 17.40 27.63 -17.91
CA ILE B 232 17.07 27.37 -19.30
C ILE B 232 18.42 27.15 -19.99
N GLY B 233 19.42 27.89 -19.55
CA GLY B 233 20.76 27.75 -20.10
C GLY B 233 21.32 26.38 -19.77
N PHE B 234 21.19 25.96 -18.51
CA PHE B 234 21.68 24.65 -18.09
C PHE B 234 20.96 23.54 -18.85
N ALA B 235 19.66 23.71 -19.04
CA ALA B 235 18.84 22.73 -19.74
C ALA B 235 19.33 22.51 -21.16
N LYS B 236 19.78 23.59 -21.80
CA LYS B 236 20.29 23.49 -23.17
C LYS B 236 21.54 22.62 -23.17
N TRP B 237 22.38 22.80 -22.16
CA TRP B 237 23.61 22.01 -22.06
C TRP B 237 23.29 20.56 -21.75
N LYS B 239 20.64 19.03 -22.59
CA LYS B 239 20.05 18.49 -23.81
C LYS B 239 21.18 17.93 -24.67
N GLU B 240 22.23 18.73 -24.86
CA GLU B 240 23.39 18.33 -25.65
C GLU B 240 24.05 17.07 -25.07
N GLN B 241 24.03 16.94 -23.75
CA GLN B 241 24.64 15.78 -23.10
C GLN B 241 23.79 14.51 -23.10
N GLY B 242 22.56 14.62 -23.58
CA GLY B 242 21.71 13.43 -23.63
C GLY B 242 20.73 13.23 -22.49
N VAL B 243 20.52 14.25 -21.67
CA VAL B 243 19.55 14.12 -20.57
C VAL B 243 18.17 14.04 -21.23
N ASP B 244 17.34 13.11 -20.78
CA ASP B 244 16.01 12.92 -21.37
C ASP B 244 14.90 13.80 -20.83
N LEU B 245 14.99 14.18 -19.56
CA LEU B 245 13.95 15.01 -18.97
C LEU B 245 14.45 15.75 -17.74
N ILE B 246 13.95 16.97 -17.57
CA ILE B 246 14.32 17.77 -16.41
C ILE B 246 13.09 17.87 -15.52
N ASP B 247 13.28 17.38 -14.30
CA ASP B 247 12.28 17.35 -13.22
C ASP B 247 12.40 18.74 -12.59
N CYS B 248 11.39 19.58 -12.78
CA CYS B 248 11.44 20.96 -12.32
C CYS B 248 10.89 21.37 -10.96
N SER B 249 11.77 21.40 -9.97
CA SER B 249 11.38 21.82 -8.62
C SER B 249 11.99 23.22 -8.45
N SER B 250 12.16 23.66 -7.21
CA SER B 250 12.73 24.98 -6.95
C SER B 250 13.08 25.19 -5.47
N GLY B 251 13.88 26.24 -5.23
CA GLY B 251 14.28 26.61 -3.87
C GLY B 251 15.12 25.67 -3.04
N ALA B 252 15.22 26.02 -1.75
CA ALA B 252 15.94 25.25 -0.74
C ALA B 252 17.46 25.42 -0.65
N LEU B 253 18.05 26.29 -1.48
CA LEU B 253 19.50 26.49 -1.40
C LEU B 253 19.78 27.26 -0.12
N VAL B 254 18.94 28.26 0.14
CA VAL B 254 19.03 29.09 1.34
C VAL B 254 17.59 29.46 1.67
N HIS B 255 17.35 29.90 2.90
CA HIS B 255 15.99 30.28 3.28
C HIS B 255 15.55 31.43 2.38
N ALA B 256 14.29 31.38 1.95
CA ALA B 256 13.74 32.41 1.09
C ALA B 256 12.23 32.45 1.24
N ASP B 257 11.64 33.57 0.87
CA ASP B 257 10.19 33.73 0.96
C ASP B 257 9.64 33.21 -0.37
N ILE B 258 8.89 32.11 -0.32
CA ILE B 258 8.34 31.52 -1.53
C ILE B 258 6.82 31.51 -1.52
N ASN B 259 6.21 32.07 -2.56
CA ASN B 259 4.77 32.10 -2.69
C ASN B 259 4.34 30.74 -3.24
N VAL B 260 3.79 29.90 -2.38
CA VAL B 260 3.35 28.57 -2.80
C VAL B 260 1.85 28.51 -3.08
N PHE B 261 1.49 27.81 -4.15
CA PHE B 261 0.09 27.68 -4.56
C PHE B 261 -0.01 26.55 -5.58
N PRO B 262 -1.22 26.11 -5.89
CA PRO B 262 -1.37 25.01 -6.87
C PRO B 262 -0.65 25.31 -8.19
N GLY B 263 0.29 24.45 -8.56
CA GLY B 263 1.04 24.63 -9.80
C GLY B 263 2.08 25.74 -9.79
N TYR B 264 2.53 26.13 -8.60
CA TYR B 264 3.50 27.23 -8.50
C TYR B 264 4.86 27.01 -9.15
N GLN B 265 5.16 25.79 -9.58
CA GLN B 265 6.44 25.52 -10.24
C GLN B 265 6.25 25.11 -11.69
N VAL B 266 5.01 25.12 -12.15
CA VAL B 266 4.73 24.74 -13.53
C VAL B 266 5.37 25.66 -14.57
N SER B 267 5.49 26.95 -14.27
CA SER B 267 6.09 27.88 -15.23
C SER B 267 7.52 27.50 -15.55
N PHE B 268 8.23 26.95 -14.56
CA PHE B 268 9.61 26.53 -14.77
C PHE B 268 9.65 25.40 -15.80
N ALA B 269 8.75 24.43 -15.62
CA ALA B 269 8.68 23.29 -16.53
C ALA B 269 8.32 23.70 -17.96
N GLU B 270 7.38 24.63 -18.12
CA GLU B 270 6.97 25.03 -19.46
C GLU B 270 8.00 25.91 -20.19
N LYS B 271 8.72 26.76 -19.45
CA LYS B 271 9.72 27.62 -20.07
C LYS B 271 10.93 26.81 -20.54
N ILE B 272 11.34 25.84 -19.73
CA ILE B 272 12.48 25.00 -20.09
C ILE B 272 12.09 24.10 -21.26
N ARG B 273 10.87 23.60 -21.24
CA ARG B 273 10.38 22.73 -22.31
C ARG B 273 10.39 23.47 -23.63
N GLU B 274 9.86 24.69 -23.63
CA GLU B 274 9.78 25.51 -24.82
C GLU B 274 11.11 26.09 -25.29
N GLN B 275 11.84 26.72 -24.38
CA GLN B 275 13.11 27.35 -24.73
C GLN B 275 14.31 26.43 -24.86
N ALA B 276 14.31 25.30 -24.17
CA ALA B 276 15.43 24.37 -24.26
C ALA B 276 15.05 23.13 -25.08
N ASP B 277 13.81 23.08 -25.52
CA ASP B 277 13.32 21.94 -26.31
C ASP B 277 13.65 20.65 -25.56
N ALA B 279 12.22 17.78 -22.63
CA ALA B 279 11.04 17.22 -21.98
C ALA B 279 11.14 17.60 -20.50
N THR B 280 10.01 17.87 -19.86
CA THR B 280 10.03 18.27 -18.46
C THR B 280 8.98 17.59 -17.60
N GLY B 281 9.27 17.54 -16.30
CA GLY B 281 8.35 16.98 -15.34
C GLY B 281 7.87 18.13 -14.48
N ALA B 282 6.56 18.24 -14.31
CA ALA B 282 5.99 19.31 -13.50
C ALA B 282 5.68 18.75 -12.10
N VAL B 283 5.93 19.55 -11.07
CA VAL B 283 5.68 19.11 -9.71
C VAL B 283 5.41 20.32 -8.81
N GLY B 284 4.61 20.11 -7.76
CA GLY B 284 4.32 21.20 -6.84
C GLY B 284 2.86 21.58 -6.68
N ILE B 286 0.20 19.81 -7.10
CA ILE B 286 -0.69 19.27 -8.13
C ILE B 286 -1.42 18.16 -7.40
N THR B 287 -2.73 18.31 -7.23
CA THR B 287 -3.49 17.35 -6.46
C THR B 287 -4.74 16.73 -7.09
N ASP B 288 -5.03 17.05 -8.34
CA ASP B 288 -6.19 16.47 -8.98
C ASP B 288 -5.97 16.23 -10.47
N GLY B 289 -6.80 15.36 -11.04
CA GLY B 289 -6.68 15.02 -12.44
C GLY B 289 -6.86 16.15 -13.44
N SER B 290 -7.73 17.11 -13.11
CA SER B 290 -7.98 18.23 -14.03
C SER B 290 -6.72 19.05 -14.31
N ALA B 292 -3.63 18.11 -13.76
CA ALA B 292 -2.66 17.23 -14.40
C ALA B 292 -2.89 17.20 -15.92
N GLU B 293 -4.15 17.05 -16.32
CA GLU B 293 -4.48 16.99 -17.75
C GLU B 293 -4.22 18.33 -18.43
N GLU B 294 -4.54 19.43 -17.74
CA GLU B 294 -4.33 20.77 -18.28
C GLU B 294 -2.85 21.01 -18.56
N ILE B 295 -1.99 20.61 -17.63
CA ILE B 295 -0.55 20.80 -17.78
C ILE B 295 -0.03 20.07 -19.02
N LEU B 296 -0.47 18.84 -19.21
CA LEU B 296 -0.03 18.04 -20.35
C LEU B 296 -0.59 18.53 -21.68
N GLN B 297 -1.89 18.78 -21.73
CA GLN B 297 -2.54 19.23 -22.95
C GLN B 297 -2.08 20.60 -23.43
N ASN B 298 -1.82 21.52 -22.49
CA ASN B 298 -1.35 22.86 -22.85
C ASN B 298 0.16 22.89 -23.10
N GLY B 299 0.76 21.70 -23.16
CA GLY B 299 2.19 21.58 -23.42
C GLY B 299 3.12 22.25 -22.43
N ARG B 300 2.76 22.21 -21.15
CA ARG B 300 3.57 22.82 -20.11
C ARG B 300 4.59 21.85 -19.52
N ALA B 301 4.32 20.55 -19.70
CA ALA B 301 5.22 19.49 -19.21
C ALA B 301 4.88 18.18 -19.89
N ASP B 302 5.73 17.17 -19.74
CA ASP B 302 5.49 15.87 -20.35
C ASP B 302 5.06 14.81 -19.34
N LEU B 303 5.48 14.97 -18.09
CA LEU B 303 5.12 14.03 -17.02
C LEU B 303 4.64 14.84 -15.82
N ILE B 304 3.69 14.28 -15.07
CA ILE B 304 3.16 14.95 -13.89
C ILE B 304 3.64 14.25 -12.62
N PHE B 305 4.52 14.91 -11.88
CA PHE B 305 5.05 14.36 -10.64
C PHE B 305 4.08 14.71 -9.50
N ILE B 306 3.73 13.69 -8.72
CA ILE B 306 2.80 13.86 -7.60
C ILE B 306 3.51 13.42 -6.32
N GLY B 307 3.52 14.30 -5.33
CA GLY B 307 4.17 13.98 -4.08
C GLY B 307 3.18 13.74 -2.95
N ARG B 308 2.90 14.78 -2.19
CA ARG B 308 1.99 14.67 -1.04
C ARG B 308 0.60 14.09 -1.29
N GLU B 309 0.04 14.28 -2.48
CA GLU B 309 -1.29 13.72 -2.73
C GLU B 309 -1.20 12.20 -2.75
N LEU B 310 -0.04 11.66 -3.13
CA LEU B 310 0.14 10.20 -3.15
C LEU B 310 0.38 9.67 -1.75
N LEU B 311 0.56 10.57 -0.77
CA LEU B 311 0.73 10.15 0.62
C LEU B 311 -0.66 10.11 1.24
N ARG B 312 -1.52 11.02 0.79
CA ARG B 312 -2.89 11.07 1.28
C ARG B 312 -3.75 10.04 0.54
N ASP B 313 -3.45 9.83 -0.75
CA ASP B 313 -4.21 8.89 -1.57
C ASP B 313 -3.29 8.07 -2.48
N PRO B 314 -2.85 6.90 -1.99
CA PRO B 314 -1.97 6.00 -2.75
C PRO B 314 -2.52 5.64 -4.12
N PHE B 315 -3.85 5.65 -4.23
CA PHE B 315 -4.53 5.30 -5.47
C PHE B 315 -5.02 6.51 -6.25
N PHE B 316 -4.22 7.58 -6.20
CA PHE B 316 -4.51 8.83 -6.91
C PHE B 316 -4.80 8.59 -8.39
N ALA B 317 -4.12 7.62 -8.99
CA ALA B 317 -4.34 7.32 -10.40
C ALA B 317 -5.83 7.04 -10.64
N ARG B 318 -6.42 6.25 -9.76
CA ARG B 318 -7.83 5.91 -9.89
C ARG B 318 -8.70 7.15 -9.67
N THR B 319 -8.39 7.91 -8.62
CA THR B 319 -9.14 9.11 -8.31
C THR B 319 -9.08 10.12 -9.46
N ALA B 320 -7.89 10.31 -10.04
CA ALA B 320 -7.72 11.23 -11.15
C ALA B 320 -8.53 10.77 -12.36
N ALA B 321 -8.54 9.47 -12.61
CA ALA B 321 -9.29 8.91 -13.73
C ALA B 321 -10.77 9.26 -13.58
N LYS B 322 -11.28 9.09 -12.37
CA LYS B 322 -12.69 9.39 -12.08
C LYS B 322 -12.96 10.88 -12.30
N GLN B 323 -12.07 11.72 -11.78
CA GLN B 323 -12.22 13.17 -11.91
C GLN B 323 -12.23 13.58 -13.38
N LEU B 324 -11.53 12.82 -14.21
CA LEU B 324 -11.47 13.11 -15.64
C LEU B 324 -12.52 12.32 -16.43
N ASN B 325 -13.47 11.74 -15.71
CA ASN B 325 -14.55 10.98 -16.34
C ASN B 325 -14.02 9.96 -17.34
N THR B 326 -12.98 9.25 -16.94
CA THR B 326 -12.38 8.23 -17.80
C THR B 326 -12.11 7.00 -16.93
N GLU B 327 -11.75 5.89 -17.58
CA GLU B 327 -11.48 4.68 -16.83
C GLU B 327 -10.13 4.10 -17.19
N ILE B 328 -9.45 3.55 -16.19
CA ILE B 328 -8.15 2.94 -16.40
C ILE B 328 -8.22 1.52 -15.88
N PRO B 329 -7.33 0.65 -16.36
CA PRO B 329 -7.34 -0.73 -15.90
C PRO B 329 -7.02 -0.78 -14.41
N ALA B 330 -7.73 -1.65 -13.69
CA ALA B 330 -7.49 -1.80 -12.27
C ALA B 330 -6.60 -3.01 -12.06
N PRO B 331 -5.90 -3.08 -10.93
CA PRO B 331 -5.07 -4.27 -10.73
C PRO B 331 -6.11 -5.39 -10.68
N VAL B 332 -5.77 -6.55 -11.25
CA VAL B 332 -6.72 -7.64 -11.30
C VAL B 332 -7.40 -7.96 -9.97
N GLN B 333 -6.64 -7.95 -8.89
CA GLN B 333 -7.19 -8.26 -7.58
C GLN B 333 -8.28 -7.31 -7.09
N TYR B 334 -8.33 -6.10 -7.64
CA TYR B 334 -9.33 -5.12 -7.22
C TYR B 334 -10.43 -4.83 -8.24
N GLU B 335 -10.58 -5.70 -9.23
CA GLU B 335 -11.61 -5.50 -10.26
C GLU B 335 -13.02 -5.37 -9.70
N ARG B 336 -13.31 -6.02 -8.60
CA ARG B 336 -14.63 -5.97 -7.98
C ARG B 336 -14.85 -4.71 -7.13
N GLY B 337 -13.82 -3.87 -7.01
CA GLY B 337 -13.96 -2.68 -6.19
C GLY B 337 -13.72 -1.37 -6.93
N TRP B 338 -12.76 -1.36 -7.84
CA TRP B 338 -12.43 -0.15 -8.61
C TRP B 338 -13.51 0.26 -9.59
#